data_7F7R
#
_entry.id   7F7R
#
_cell.length_a   82.706
_cell.length_b   82.973
_cell.length_c   148.580
_cell.angle_alpha   90.000
_cell.angle_beta   90.000
_cell.angle_gamma   90.000
#
_symmetry.space_group_name_H-M   'P 21 21 21'
#
loop_
_entity.id
_entity.type
_entity.pdbx_description
1 polymer 'GH31 alpha-N-acetylgalactosaminidase'
2 non-polymer 2-acetamido-2-deoxy-alpha-D-galactopyranose
3 non-polymer SERINE
4 non-polymer 1,2-ETHANEDIOL
5 non-polymer 'TRIETHYLENE GLYCOL'
6 non-polymer 'CALCIUM ION'
7 water water
#
_entity_poly.entity_id   1
_entity_poly.type   'polypeptide(L)'
_entity_poly.pdbx_seq_one_letter_code
;MGSSHHHHHHSSGLVPRGSHMQEQTAKEDVADSATSVGAIVSIEKAEKNFVITYASGKKAQISILNDHLFRYHLDPTGKF
EEYPTPNDPKHVAKITAKTMADYGTQAFEQTNVTDSGNQFILENNGLKIIFEKESALMKVLDKKKNQVILEETAPLSFKN
DKATQTLKQSSQENYFGGGTQNGRFTHKGTAIQIVNTNNWVDGGVASPNPFYWSTAGYGVVRNTWKPGNYDFGSHDPQTT
TTTHEGTDFDAFYFFNDSSAGILKDYYELTGKPALMPEYGFYEAHLNAYNRDYWVKVAEGTAGAVKFEDGNFYKEYQPGD
LGNLNGTLESLNGEKENYQFSARAVIDRYKKNDMPLGWFLPNDGYGAGYGQTDSLDGDVQNLKEFTDYAQANGVEVGLWT
QSNLHPADPKNPKKGERDIAKEVSVAGVKALKTNVAWVGYGYSFGLNGVEDAANVFVKETDGAVRPMIVSLDGWAGTQRH
AGIWTGDQTGGQWEYIRFHIPTYIGTSLSGQPNVGSDMDGIFGGKNKEVNIRDFQWKTFTPVQLNMDGWGSNPKTPFAFD
QEATDLNRAYLKLKSMMMPYNYSIAKESVDGLPMVRAMALEFPNEGTAYTKDSQYQYMWGPNLLVAPIYNGNQDEAGNSI
RDGIYLPDEKQVWVDLFTGEKYQGGRVLNGVKTPLWKVPVFVKDGSIIPMTNPNNNPKEIQRDQRSFLIYPNGATSFNMY
EDDGISTSYEAGQSATTKINSQGPKSNEKGDLTVTIEPTKGSYKDFVDERSTTLDLLASEAPESVTAMVGGTEVTLKQAA
NKEEFLAGTNLYYFDKEFQVNQYLSEASGEKLNQSALSVKLAKQSVTAKDVQITVKGFINKGTVDGGNTTVDDQLTIPAN
IAINEEKTTPSSLTLQWDQVTEATSYEVERDGTVFGNIQTNTATFDGFSFLSEHTFRVRAVGKNGVSEWSEPIKGKTQDD
PYK
;
_entity_poly.pdbx_strand_id   A
#
loop_
_chem_comp.id
_chem_comp.type
_chem_comp.name
_chem_comp.formula
A2G D-saccharide, alpha linking 2-acetamido-2-deoxy-alpha-D-galactopyranose 'C8 H15 N O6'
CA non-polymer 'CALCIUM ION' 'Ca 2'
EDO non-polymer 1,2-ETHANEDIOL 'C2 H6 O2'
PGE non-polymer 'TRIETHYLENE GLYCOL' 'C6 H14 O4'
#
# COMPACT_ATOMS: atom_id res chain seq x y z
N SER A 36 -18.26 -29.14 -23.18
CA SER A 36 -18.70 -29.56 -21.79
C SER A 36 -18.48 -31.06 -21.58
N VAL A 37 -18.11 -31.49 -20.37
CA VAL A 37 -17.56 -32.87 -20.13
C VAL A 37 -18.67 -33.86 -19.74
N GLY A 38 -19.91 -33.41 -19.54
CA GLY A 38 -21.06 -34.30 -19.28
C GLY A 38 -21.17 -34.65 -17.80
N ALA A 39 -21.98 -35.65 -17.47
CA ALA A 39 -22.28 -36.10 -16.10
C ALA A 39 -21.00 -36.65 -15.43
N ILE A 40 -20.98 -36.69 -14.10
CA ILE A 40 -19.89 -37.39 -13.33
C ILE A 40 -20.29 -38.86 -13.18
N VAL A 41 -19.46 -39.77 -13.66
CA VAL A 41 -19.70 -41.24 -13.58
C VAL A 41 -19.09 -41.77 -12.27
N SER A 42 -17.94 -41.25 -11.86
CA SER A 42 -17.27 -41.73 -10.63
C SER A 42 -16.45 -40.61 -10.00
N ILE A 43 -16.29 -40.67 -8.67
CA ILE A 43 -15.17 -40.02 -7.96
C ILE A 43 -14.52 -41.07 -7.08
N GLU A 44 -13.22 -41.29 -7.31
CA GLU A 44 -12.39 -42.29 -6.61
C GLU A 44 -11.27 -41.60 -5.82
N LYS A 45 -11.00 -42.11 -4.63
CA LYS A 45 -9.86 -41.67 -3.81
C LYS A 45 -8.63 -42.45 -4.25
N ALA A 46 -7.76 -41.83 -5.05
CA ALA A 46 -6.49 -42.41 -5.52
C ALA A 46 -5.44 -42.23 -4.43
N GLU A 47 -4.18 -42.51 -4.73
CA GLU A 47 -3.12 -42.46 -3.69
C GLU A 47 -2.94 -41.04 -3.16
N LYS A 48 -3.04 -40.01 -4.02
CA LYS A 48 -2.68 -38.62 -3.65
C LYS A 48 -3.82 -37.62 -3.91
N ASN A 49 -4.89 -38.01 -4.60
CA ASN A 49 -5.95 -37.05 -4.98
C ASN A 49 -7.25 -37.82 -5.25
N PHE A 50 -8.35 -37.09 -5.42
CA PHE A 50 -9.62 -37.62 -5.90
C PHE A 50 -9.67 -37.49 -7.43
N VAL A 51 -9.99 -38.58 -8.12
CA VAL A 51 -10.07 -38.60 -9.61
C VAL A 51 -11.55 -38.60 -9.99
N ILE A 52 -11.98 -37.55 -10.69
CA ILE A 52 -13.37 -37.41 -11.18
C ILE A 52 -13.39 -37.88 -12.63
N THR A 53 -14.19 -38.90 -12.97
CA THR A 53 -14.36 -39.34 -14.37
C THR A 53 -15.72 -38.84 -14.85
N TYR A 54 -15.73 -38.12 -15.98
CA TYR A 54 -16.97 -37.57 -16.60
C TYR A 54 -17.39 -38.50 -17.75
N ALA A 55 -18.69 -38.43 -18.12
CA ALA A 55 -19.34 -39.32 -19.11
C ALA A 55 -18.58 -39.27 -20.44
N SER A 56 -17.97 -38.13 -20.77
CA SER A 56 -17.15 -37.90 -22.00
C SER A 56 -15.81 -38.68 -21.95
N GLY A 57 -15.36 -39.19 -20.80
CA GLY A 57 -14.04 -39.82 -20.68
C GLY A 57 -13.01 -38.85 -20.12
N LYS A 58 -13.29 -37.53 -20.10
CA LYS A 58 -12.37 -36.52 -19.53
C LYS A 58 -12.28 -36.76 -18.02
N LYS A 59 -11.12 -36.44 -17.43
CA LYS A 59 -10.87 -36.60 -15.97
C LYS A 59 -10.48 -35.26 -15.36
N ALA A 60 -10.86 -35.04 -14.10
CA ALA A 60 -10.25 -34.02 -13.19
C ALA A 60 -9.65 -34.70 -11.96
N GLN A 61 -8.63 -34.05 -11.42
CA GLN A 61 -8.04 -34.35 -10.10
C GLN A 61 -8.41 -33.23 -9.12
N ILE A 62 -8.93 -33.61 -7.95
CA ILE A 62 -9.00 -32.71 -6.78
C ILE A 62 -7.94 -33.08 -5.76
N SER A 63 -7.06 -32.14 -5.48
CA SER A 63 -5.97 -32.27 -4.49
C SER A 63 -6.39 -31.44 -3.27
N ILE A 64 -6.54 -32.08 -2.12
CA ILE A 64 -6.88 -31.38 -0.86
C ILE A 64 -5.56 -30.99 -0.21
N LEU A 65 -5.29 -29.69 -0.03
CA LEU A 65 -3.98 -29.22 0.49
C LEU A 65 -4.04 -28.92 1.99
N ASN A 66 -5.16 -28.36 2.45
CA ASN A 66 -5.44 -28.19 3.90
C ASN A 66 -6.96 -28.17 4.06
N ASP A 67 -7.45 -27.92 5.27
CA ASP A 67 -8.90 -28.09 5.53
C ASP A 67 -9.72 -27.02 4.84
N HIS A 68 -9.09 -26.05 4.16
CA HIS A 68 -9.88 -24.97 3.48
C HIS A 68 -9.25 -24.56 2.15
N LEU A 69 -8.44 -25.42 1.55
CA LEU A 69 -7.77 -25.14 0.26
C LEU A 69 -7.69 -26.42 -0.57
N PHE A 70 -8.14 -26.37 -1.81
CA PHE A 70 -8.02 -27.52 -2.72
C PHE A 70 -7.69 -26.99 -4.09
N ARG A 71 -7.08 -27.88 -4.88
CA ARG A 71 -6.79 -27.67 -6.30
C ARG A 71 -7.74 -28.53 -7.10
N TYR A 72 -8.42 -27.94 -8.09
CA TYR A 72 -9.21 -28.69 -9.09
C TYR A 72 -8.52 -28.52 -10.45
N HIS A 73 -8.23 -29.62 -11.13
CA HIS A 73 -7.50 -29.64 -12.42
C HIS A 73 -8.23 -30.59 -13.36
N LEU A 74 -8.95 -30.04 -14.33
CA LEU A 74 -9.49 -30.80 -15.47
C LEU A 74 -8.46 -30.65 -16.58
N ASP A 75 -7.76 -31.74 -16.89
CA ASP A 75 -6.65 -31.72 -17.88
C ASP A 75 -7.04 -32.57 -19.09
N PRO A 76 -7.51 -32.00 -20.22
CA PRO A 76 -7.83 -32.81 -21.42
C PRO A 76 -6.66 -33.65 -21.97
N THR A 77 -5.41 -33.33 -21.60
CA THR A 77 -4.20 -34.07 -22.04
C THR A 77 -3.99 -35.34 -21.21
N GLY A 78 -4.54 -35.40 -19.98
CA GLY A 78 -4.35 -36.52 -19.04
C GLY A 78 -2.92 -36.58 -18.48
N LYS A 79 -2.08 -35.59 -18.74
CA LYS A 79 -0.70 -35.53 -18.18
C LYS A 79 -0.72 -35.12 -16.70
N PHE A 80 -1.63 -34.24 -16.30
CA PHE A 80 -1.72 -33.75 -14.89
C PHE A 80 -0.31 -33.42 -14.37
N GLU A 81 0.48 -32.58 -15.04
CA GLU A 81 1.81 -32.25 -14.44
C GLU A 81 1.60 -31.14 -13.40
N GLU A 82 2.53 -31.02 -12.46
CA GLU A 82 2.32 -30.17 -11.26
C GLU A 82 2.19 -28.70 -11.68
N TYR A 83 2.83 -28.24 -12.75
CA TYR A 83 2.92 -26.79 -13.07
C TYR A 83 2.36 -26.53 -14.45
N PRO A 84 1.71 -25.35 -14.65
CA PRO A 84 1.24 -24.97 -15.98
C PRO A 84 2.43 -24.65 -16.90
N THR A 85 2.22 -24.73 -18.21
CA THR A 85 3.27 -24.46 -19.21
C THR A 85 3.45 -22.96 -19.36
N PRO A 86 4.68 -22.45 -19.15
CA PRO A 86 4.94 -21.02 -19.28
C PRO A 86 5.04 -20.62 -20.75
N ASN A 87 5.28 -19.33 -20.99
CA ASN A 87 5.36 -18.81 -22.38
C ASN A 87 6.70 -19.16 -23.04
N ASP A 88 7.73 -19.45 -22.26
CA ASP A 88 9.04 -19.88 -22.79
C ASP A 88 9.61 -20.94 -21.85
N PRO A 89 10.22 -22.05 -22.35
CA PRO A 89 10.79 -23.07 -21.46
C PRO A 89 11.90 -22.54 -20.56
N LYS A 90 12.48 -21.37 -20.84
CA LYS A 90 13.48 -20.81 -19.89
C LYS A 90 12.76 -20.08 -18.75
N HIS A 91 11.45 -19.86 -18.82
CA HIS A 91 10.74 -19.21 -17.69
C HIS A 91 10.45 -20.28 -16.62
N VAL A 92 11.34 -20.39 -15.66
CA VAL A 92 11.28 -21.46 -14.61
C VAL A 92 10.69 -20.95 -13.29
N ALA A 93 10.39 -19.66 -13.09
CA ALA A 93 9.79 -19.22 -11.82
C ALA A 93 8.34 -19.68 -11.82
N LYS A 94 7.85 -20.22 -10.70
CA LYS A 94 6.47 -20.80 -10.62
C LYS A 94 5.50 -19.84 -9.95
N ILE A 95 4.23 -19.89 -10.31
CA ILE A 95 3.14 -19.18 -9.60
C ILE A 95 3.18 -19.56 -8.12
N THR A 96 3.28 -20.85 -7.81
CA THR A 96 3.29 -21.31 -6.41
C THR A 96 4.69 -21.19 -5.85
N ALA A 97 4.73 -20.84 -4.58
CA ALA A 97 5.95 -20.81 -3.75
C ALA A 97 6.02 -22.00 -2.78
N LYS A 98 4.95 -22.79 -2.71
CA LYS A 98 4.78 -23.96 -1.80
C LYS A 98 4.22 -25.07 -2.69
N THR A 99 4.94 -26.17 -2.82
CA THR A 99 4.52 -27.29 -3.68
C THR A 99 3.32 -28.01 -3.05
N MET A 100 2.60 -28.79 -3.83
CA MET A 100 1.45 -29.57 -3.28
C MET A 100 1.97 -30.47 -2.15
N ALA A 101 3.15 -31.05 -2.33
CA ALA A 101 3.75 -32.01 -1.37
C ALA A 101 4.03 -31.31 -0.05
N ASP A 102 4.44 -30.04 -0.13
CA ASP A 102 4.86 -29.21 1.03
C ASP A 102 3.67 -29.04 1.97
N TYR A 103 2.43 -29.09 1.47
CA TYR A 103 1.22 -28.94 2.30
C TYR A 103 0.97 -30.18 3.17
N GLY A 104 1.52 -31.34 2.80
CA GLY A 104 1.33 -32.59 3.54
C GLY A 104 0.07 -33.32 3.08
N THR A 105 -0.07 -34.58 3.49
CA THR A 105 -1.14 -35.52 3.07
C THR A 105 -2.28 -35.58 4.09
N GLN A 106 -2.13 -34.90 5.21
CA GLN A 106 -3.05 -35.06 6.37
C GLN A 106 -4.47 -34.61 5.98
N ALA A 107 -4.65 -33.45 5.33
CA ALA A 107 -6.02 -32.98 5.01
C ALA A 107 -6.68 -33.97 4.02
N PHE A 108 -5.90 -34.47 3.06
CA PHE A 108 -6.35 -35.44 2.03
C PHE A 108 -6.75 -36.76 2.72
N GLU A 109 -5.90 -37.24 3.62
CA GLU A 109 -6.20 -38.45 4.42
C GLU A 109 -7.54 -38.29 5.14
N GLN A 110 -7.82 -37.10 5.63
CA GLN A 110 -8.98 -36.81 6.50
C GLN A 110 -10.12 -36.23 5.66
N THR A 111 -10.13 -36.49 4.35
CA THR A 111 -11.26 -36.14 3.45
C THR A 111 -11.89 -37.44 2.96
N ASN A 112 -13.21 -37.59 3.06
CA ASN A 112 -13.91 -38.79 2.55
C ASN A 112 -14.71 -38.47 1.29
N VAL A 113 -14.87 -39.44 0.41
CA VAL A 113 -15.79 -39.33 -0.76
C VAL A 113 -16.94 -40.30 -0.52
N THR A 114 -18.16 -39.82 -0.70
CA THR A 114 -19.38 -40.61 -0.47
C THR A 114 -20.26 -40.42 -1.70
N ASP A 115 -20.96 -41.50 -2.03
CA ASP A 115 -21.93 -41.53 -3.14
C ASP A 115 -23.28 -41.38 -2.45
N SER A 116 -23.85 -40.18 -2.47
CA SER A 116 -25.07 -39.80 -1.73
C SER A 116 -26.16 -39.42 -2.75
N GLY A 117 -26.74 -40.45 -3.37
CA GLY A 117 -27.93 -40.38 -4.24
C GLY A 117 -27.63 -39.65 -5.52
N ASN A 118 -28.07 -38.39 -5.63
CA ASN A 118 -27.92 -37.58 -6.85
C ASN A 118 -26.62 -36.78 -6.79
N GLN A 119 -25.80 -37.01 -5.76
CA GLN A 119 -24.56 -36.22 -5.56
C GLN A 119 -23.39 -37.14 -5.20
N PHE A 120 -22.17 -36.71 -5.49
CA PHE A 120 -20.92 -37.19 -4.87
C PHE A 120 -20.47 -36.07 -3.94
N ILE A 121 -20.00 -36.42 -2.74
CA ILE A 121 -19.63 -35.41 -1.71
C ILE A 121 -18.21 -35.74 -1.24
N LEU A 122 -17.32 -34.74 -1.25
CA LEU A 122 -16.01 -34.80 -0.55
C LEU A 122 -16.19 -34.03 0.74
N GLU A 123 -15.80 -34.61 1.88
CA GLU A 123 -16.04 -33.95 3.18
C GLU A 123 -14.83 -34.17 4.08
N ASN A 124 -14.39 -33.09 4.68
CA ASN A 124 -13.39 -33.13 5.77
C ASN A 124 -13.92 -32.21 6.86
N ASN A 125 -13.11 -31.86 7.83
CA ASN A 125 -13.58 -31.05 9.00
C ASN A 125 -13.87 -29.61 8.55
N GLY A 126 -13.31 -29.14 7.45
CA GLY A 126 -13.46 -27.75 6.96
C GLY A 126 -14.59 -27.57 5.94
N LEU A 127 -14.65 -28.44 4.94
CA LEU A 127 -15.56 -28.21 3.78
C LEU A 127 -16.40 -29.45 3.50
N LYS A 128 -17.57 -29.22 2.89
CA LYS A 128 -18.29 -30.21 2.07
C LYS A 128 -18.16 -29.72 0.65
N ILE A 129 -17.53 -30.50 -0.22
CA ILE A 129 -17.48 -30.18 -1.67
C ILE A 129 -18.48 -31.09 -2.37
N ILE A 130 -19.56 -30.50 -2.91
CA ILE A 130 -20.76 -31.28 -3.33
C ILE A 130 -20.84 -31.20 -4.85
N PHE A 131 -20.91 -32.35 -5.52
CA PHE A 131 -21.03 -32.46 -7.01
C PHE A 131 -22.36 -33.11 -7.39
N GLU A 132 -23.23 -32.38 -8.10
CA GLU A 132 -24.46 -32.97 -8.68
C GLU A 132 -24.00 -33.92 -9.79
N LYS A 133 -24.40 -35.19 -9.76
CA LYS A 133 -23.88 -36.19 -10.74
C LYS A 133 -24.25 -35.77 -12.17
N GLU A 134 -25.53 -35.47 -12.40
CA GLU A 134 -26.05 -35.33 -13.79
C GLU A 134 -25.50 -34.03 -14.42
N SER A 135 -25.57 -32.90 -13.69
CA SER A 135 -25.16 -31.56 -14.19
C SER A 135 -23.63 -31.38 -14.03
N ALA A 136 -23.01 -32.16 -13.13
CA ALA A 136 -21.56 -32.11 -12.74
C ALA A 136 -21.22 -30.83 -11.97
N LEU A 137 -22.22 -30.03 -11.54
CA LEU A 137 -21.97 -28.71 -10.91
C LEU A 137 -21.43 -28.90 -9.49
N MET A 138 -20.44 -28.08 -9.14
CA MET A 138 -19.78 -28.10 -7.83
C MET A 138 -20.37 -27.00 -6.95
N LYS A 139 -20.56 -27.30 -5.65
CA LYS A 139 -20.78 -26.22 -4.67
C LYS A 139 -20.00 -26.59 -3.41
N VAL A 140 -19.63 -25.57 -2.66
CA VAL A 140 -18.77 -25.73 -1.47
C VAL A 140 -19.52 -25.15 -0.27
N LEU A 141 -19.77 -26.03 0.72
CA LEU A 141 -20.29 -25.66 2.06
C LEU A 141 -19.10 -25.47 3.01
N ASP A 142 -19.01 -24.27 3.59
CA ASP A 142 -18.07 -23.96 4.71
C ASP A 142 -18.71 -24.48 5.99
N LYS A 143 -18.12 -25.49 6.60
CA LYS A 143 -18.77 -26.23 7.70
C LYS A 143 -18.82 -25.36 8.97
N LYS A 144 -17.85 -24.48 9.17
CA LYS A 144 -17.86 -23.53 10.31
C LYS A 144 -19.11 -22.63 10.18
N LYS A 145 -19.33 -22.05 8.99
CA LYS A 145 -20.48 -21.14 8.75
C LYS A 145 -21.77 -21.95 8.54
N ASN A 146 -21.65 -23.20 8.10
CA ASN A 146 -22.80 -24.00 7.62
C ASN A 146 -23.59 -23.25 6.53
N GLN A 147 -22.87 -22.71 5.56
CA GLN A 147 -23.44 -21.94 4.43
C GLN A 147 -22.70 -22.36 3.15
N VAL A 148 -23.42 -22.39 2.03
CA VAL A 148 -22.82 -22.58 0.68
C VAL A 148 -22.15 -21.26 0.29
N ILE A 149 -20.83 -21.30 0.09
CA ILE A 149 -19.96 -20.11 -0.14
C ILE A 149 -19.75 -19.92 -1.66
N LEU A 150 -19.70 -21.03 -2.42
CA LEU A 150 -19.38 -21.02 -3.86
C LEU A 150 -20.26 -22.06 -4.55
N GLU A 151 -20.93 -21.67 -5.61
CA GLU A 151 -21.84 -22.58 -6.31
C GLU A 151 -21.72 -22.34 -7.81
N GLU A 152 -21.34 -23.36 -8.58
CA GLU A 152 -21.47 -23.31 -10.06
C GLU A 152 -22.93 -23.35 -10.48
N THR A 153 -23.29 -22.51 -11.43
CA THR A 153 -24.69 -22.43 -11.94
C THR A 153 -24.76 -22.90 -13.40
N ALA A 154 -23.63 -23.07 -14.05
CA ALA A 154 -23.55 -23.68 -15.38
C ALA A 154 -22.23 -24.44 -15.48
N PRO A 155 -22.15 -25.52 -16.29
CA PRO A 155 -20.95 -26.34 -16.35
C PRO A 155 -19.77 -25.58 -16.97
N LEU A 156 -18.53 -25.99 -16.66
CA LEU A 156 -17.34 -25.43 -17.32
C LEU A 156 -17.59 -25.39 -18.83
N SER A 157 -17.20 -24.32 -19.51
CA SER A 157 -17.32 -24.16 -20.98
C SER A 157 -15.92 -24.03 -21.60
N PHE A 158 -15.62 -24.82 -22.64
CA PHE A 158 -14.28 -24.88 -23.27
C PHE A 158 -14.31 -24.34 -24.71
N LYS A 159 -15.32 -23.54 -25.05
CA LYS A 159 -15.51 -23.06 -26.44
C LYS A 159 -14.51 -21.95 -26.74
N ASN A 160 -14.08 -21.88 -28.00
CA ASN A 160 -13.24 -20.77 -28.55
C ASN A 160 -11.89 -20.78 -27.84
N ASP A 161 -11.40 -21.97 -27.50
CA ASP A 161 -10.03 -22.13 -26.97
C ASP A 161 -9.93 -21.31 -25.69
N LYS A 162 -11.00 -21.29 -24.91
CA LYS A 162 -11.05 -20.60 -23.58
C LYS A 162 -11.71 -21.54 -22.58
N ALA A 163 -11.43 -21.35 -21.29
CA ALA A 163 -11.92 -22.17 -20.17
C ALA A 163 -12.67 -21.25 -19.21
N THR A 164 -13.99 -21.36 -19.17
CA THR A 164 -14.87 -20.44 -18.41
C THR A 164 -15.61 -21.20 -17.30
N GLN A 165 -15.64 -20.60 -16.10
CA GLN A 165 -16.44 -21.09 -14.96
C GLN A 165 -17.56 -20.09 -14.67
N THR A 166 -18.73 -20.60 -14.34
CA THR A 166 -19.97 -19.82 -14.15
C THR A 166 -20.45 -20.08 -12.73
N LEU A 167 -20.49 -19.02 -11.92
CA LEU A 167 -20.81 -19.10 -10.49
C LEU A 167 -22.00 -18.22 -10.16
N LYS A 168 -22.71 -18.62 -9.12
CA LYS A 168 -23.76 -17.80 -8.47
C LYS A 168 -23.11 -16.54 -7.91
N GLN A 169 -23.82 -15.42 -8.04
CA GLN A 169 -23.50 -14.15 -7.34
C GLN A 169 -24.71 -13.73 -6.53
N SER A 170 -24.48 -13.43 -5.26
CA SER A 170 -25.54 -13.06 -4.29
C SER A 170 -25.61 -11.53 -4.19
N SER A 171 -26.75 -11.02 -3.73
CA SER A 171 -27.06 -9.57 -3.85
C SER A 171 -26.02 -8.74 -3.10
N GLN A 172 -25.49 -9.23 -1.98
CA GLN A 172 -24.54 -8.44 -1.13
C GLN A 172 -23.09 -8.87 -1.35
N GLU A 173 -22.86 -9.75 -2.30
CA GLU A 173 -21.53 -10.34 -2.58
C GLU A 173 -20.70 -9.30 -3.36
N ASN A 174 -19.51 -9.01 -2.86
CA ASN A 174 -18.57 -8.05 -3.48
C ASN A 174 -17.28 -8.82 -3.80
N TYR A 175 -16.50 -8.24 -4.68
CA TYR A 175 -15.32 -8.88 -5.29
C TYR A 175 -14.13 -7.90 -5.35
N PHE A 176 -12.96 -8.45 -5.00
CA PHE A 176 -11.68 -7.72 -5.03
C PHE A 176 -10.66 -8.57 -5.76
N GLY A 177 -9.60 -7.92 -6.20
CA GLY A 177 -8.42 -8.56 -6.78
C GLY A 177 -8.16 -8.17 -8.23
N GLY A 178 -7.55 -9.09 -8.98
CA GLY A 178 -7.21 -8.89 -10.39
C GLY A 178 -5.89 -8.19 -10.59
N GLY A 179 -5.19 -7.83 -9.53
CA GLY A 179 -3.92 -7.10 -9.59
C GLY A 179 -4.15 -5.59 -9.67
N THR A 180 -3.28 -4.87 -10.36
CA THR A 180 -3.31 -3.40 -10.46
C THR A 180 -4.32 -3.05 -11.57
N GLN A 181 -5.55 -2.87 -11.17
CA GLN A 181 -6.71 -2.58 -12.08
C GLN A 181 -6.88 -1.06 -12.05
N ASN A 182 -6.18 -0.40 -12.95
CA ASN A 182 -5.99 1.06 -12.89
C ASN A 182 -7.33 1.75 -12.69
N GLY A 183 -7.42 2.56 -11.64
CA GLY A 183 -8.65 3.33 -11.36
C GLY A 183 -9.65 2.61 -10.51
N ARG A 184 -9.45 1.34 -10.20
CA ARG A 184 -10.57 0.52 -9.67
C ARG A 184 -10.12 -0.35 -8.51
N PHE A 185 -11.05 -0.66 -7.59
CA PHE A 185 -10.73 -1.62 -6.49
C PHE A 185 -11.88 -2.59 -6.21
N THR A 186 -13.13 -2.20 -6.45
CA THR A 186 -14.32 -2.97 -6.02
C THR A 186 -15.09 -3.38 -7.28
N HIS A 187 -15.23 -4.66 -7.57
CA HIS A 187 -15.50 -5.10 -8.97
C HIS A 187 -16.91 -5.61 -9.18
N LYS A 188 -17.75 -5.71 -8.14
CA LYS A 188 -19.15 -6.15 -8.36
C LYS A 188 -19.78 -5.32 -9.47
N GLY A 189 -20.50 -5.99 -10.41
CA GLY A 189 -21.25 -5.33 -11.50
C GLY A 189 -20.34 -4.89 -12.64
N THR A 190 -19.05 -5.27 -12.63
CA THR A 190 -18.09 -4.86 -13.67
C THR A 190 -17.32 -6.09 -14.15
N ALA A 191 -16.71 -5.95 -15.33
CA ALA A 191 -15.73 -6.92 -15.84
C ALA A 191 -14.33 -6.33 -15.68
N ILE A 192 -13.33 -7.17 -15.39
CA ILE A 192 -11.90 -6.78 -15.37
C ILE A 192 -11.11 -7.70 -16.29
N GLN A 193 -10.15 -7.14 -16.98
CA GLN A 193 -9.26 -7.91 -17.87
C GLN A 193 -8.05 -8.38 -17.03
N ILE A 194 -7.76 -9.66 -17.09
CA ILE A 194 -6.55 -10.23 -16.45
C ILE A 194 -5.52 -10.35 -17.56
N VAL A 195 -5.02 -9.20 -18.00
CA VAL A 195 -4.19 -9.08 -19.21
C VAL A 195 -3.01 -8.15 -18.90
N ASN A 196 -1.86 -8.48 -19.48
CA ASN A 196 -0.66 -7.62 -19.52
C ASN A 196 -0.93 -6.50 -20.54
N THR A 197 -1.71 -5.51 -20.16
CA THR A 197 -2.25 -4.48 -21.09
C THR A 197 -1.17 -3.50 -21.55
N ASN A 198 -0.07 -3.36 -20.78
CA ASN A 198 0.93 -2.31 -21.02
C ASN A 198 0.26 -0.92 -21.08
N ASN A 199 -0.84 -0.71 -20.34
CA ASN A 199 -1.66 0.53 -20.32
C ASN A 199 -1.66 1.06 -18.89
N TRP A 200 -1.05 2.24 -18.68
CA TRP A 200 -0.68 2.77 -17.33
C TRP A 200 -1.71 3.77 -16.84
N VAL A 201 -2.74 4.05 -17.64
CA VAL A 201 -3.72 5.06 -17.19
C VAL A 201 -5.04 4.41 -16.73
N ASP A 202 -5.93 5.26 -16.27
CA ASP A 202 -7.28 4.86 -15.86
C ASP A 202 -7.85 3.85 -16.87
N GLY A 203 -8.40 2.75 -16.38
CA GLY A 203 -9.10 1.76 -17.24
C GLY A 203 -8.17 0.67 -17.74
N GLY A 204 -6.86 0.88 -17.66
CA GLY A 204 -5.84 -0.13 -18.02
C GLY A 204 -5.51 -1.07 -16.86
N VAL A 205 -4.53 -1.94 -17.09
CA VAL A 205 -4.06 -2.90 -16.07
C VAL A 205 -2.56 -2.83 -16.11
N ALA A 206 -1.95 -2.16 -15.15
CA ALA A 206 -0.49 -2.00 -15.11
C ALA A 206 0.18 -3.33 -14.76
N SER A 207 -0.48 -4.19 -14.00
CA SER A 207 0.14 -5.42 -13.46
C SER A 207 -0.98 -6.39 -13.13
N PRO A 208 -1.35 -7.32 -14.06
CA PRO A 208 -2.46 -8.24 -13.82
C PRO A 208 -2.13 -9.36 -12.83
N ASN A 209 -3.17 -9.98 -12.28
CA ASN A 209 -3.05 -11.10 -11.33
C ASN A 209 -4.27 -11.98 -11.44
N PRO A 210 -4.12 -13.28 -11.82
CA PRO A 210 -5.24 -14.20 -11.95
C PRO A 210 -5.69 -14.69 -10.56
N PHE A 211 -5.97 -13.72 -9.68
CA PHE A 211 -6.39 -13.91 -8.28
C PHE A 211 -7.58 -12.99 -8.04
N TYR A 212 -8.71 -13.51 -7.60
CA TYR A 212 -9.81 -12.67 -7.11
C TYR A 212 -10.36 -13.30 -5.87
N TRP A 213 -11.05 -12.49 -5.08
CA TRP A 213 -11.76 -13.04 -3.91
C TRP A 213 -13.11 -12.39 -3.71
N SER A 214 -13.94 -13.12 -2.99
CA SER A 214 -15.36 -12.78 -2.78
C SER A 214 -15.57 -12.53 -1.31
N THR A 215 -16.39 -11.54 -0.99
CA THR A 215 -16.82 -11.29 0.41
C THR A 215 -17.75 -12.41 0.92
N ALA A 216 -18.19 -13.34 0.09
CA ALA A 216 -18.85 -14.58 0.54
C ALA A 216 -17.86 -15.40 1.41
N GLY A 217 -16.56 -15.26 1.16
CA GLY A 217 -15.54 -15.95 1.94
C GLY A 217 -14.75 -16.96 1.13
N TYR A 218 -14.38 -16.63 -0.12
CA TYR A 218 -13.54 -17.53 -0.95
C TYR A 218 -12.57 -16.69 -1.79
N GLY A 219 -11.42 -17.28 -2.14
CA GLY A 219 -10.52 -16.75 -3.16
C GLY A 219 -10.14 -17.84 -4.14
N VAL A 220 -9.78 -17.43 -5.36
CA VAL A 220 -9.46 -18.36 -6.48
C VAL A 220 -8.20 -17.82 -7.13
N VAL A 221 -7.19 -18.66 -7.25
CA VAL A 221 -6.06 -18.43 -8.18
C VAL A 221 -6.19 -19.37 -9.35
N ARG A 222 -6.28 -18.80 -10.55
CA ARG A 222 -6.27 -19.63 -11.77
C ARG A 222 -4.80 -19.97 -12.03
N ASN A 223 -4.49 -21.26 -12.08
CA ASN A 223 -3.09 -21.75 -12.19
C ASN A 223 -2.71 -21.79 -13.68
N THR A 224 -2.54 -20.61 -14.26
CA THR A 224 -2.31 -20.43 -15.71
C THR A 224 -1.41 -19.21 -15.90
N TRP A 225 -0.73 -19.17 -17.05
CA TRP A 225 0.08 -18.03 -17.50
C TRP A 225 -0.67 -17.30 -18.61
N LYS A 226 -1.86 -17.75 -18.92
CA LYS A 226 -2.66 -17.18 -20.03
C LYS A 226 -3.49 -16.02 -19.55
N PRO A 227 -3.77 -15.05 -20.44
CA PRO A 227 -4.66 -13.95 -20.08
C PRO A 227 -6.10 -14.42 -19.89
N GLY A 228 -6.86 -13.59 -19.18
CA GLY A 228 -8.26 -13.90 -18.84
C GLY A 228 -9.12 -12.65 -18.72
N ASN A 229 -10.38 -12.86 -18.38
CA ASN A 229 -11.37 -11.79 -18.16
C ASN A 229 -12.38 -12.29 -17.14
N TYR A 230 -12.59 -11.55 -16.07
CA TYR A 230 -13.52 -11.90 -14.96
C TYR A 230 -14.72 -10.95 -15.01
N ASP A 231 -15.91 -11.50 -15.21
CA ASP A 231 -17.15 -10.69 -15.34
C ASP A 231 -17.98 -10.90 -14.08
N PHE A 232 -17.97 -9.92 -13.18
CA PHE A 232 -18.66 -9.99 -11.89
C PHE A 232 -20.10 -9.50 -12.05
N GLY A 233 -20.85 -10.12 -12.94
CA GLY A 233 -22.31 -9.84 -13.10
C GLY A 233 -22.54 -8.48 -13.71
N SER A 234 -21.80 -8.15 -14.78
CA SER A 234 -22.07 -6.89 -15.52
C SER A 234 -23.32 -7.13 -16.38
N HIS A 235 -23.75 -8.38 -16.57
CA HIS A 235 -24.97 -8.79 -17.33
C HIS A 235 -26.05 -9.20 -16.33
N ASP A 236 -26.19 -10.51 -16.10
CA ASP A 236 -26.99 -11.06 -15.01
C ASP A 236 -26.25 -10.70 -13.74
N PRO A 237 -26.80 -9.82 -12.85
CA PRO A 237 -26.15 -9.53 -11.57
C PRO A 237 -26.05 -10.78 -10.68
N GLN A 238 -26.76 -11.88 -11.02
CA GLN A 238 -26.77 -13.14 -10.24
C GLN A 238 -25.72 -14.12 -10.74
N THR A 239 -24.88 -13.73 -11.69
CA THR A 239 -23.90 -14.63 -12.35
C THR A 239 -22.54 -13.93 -12.36
N THR A 240 -21.51 -14.66 -11.98
CA THR A 240 -20.10 -14.30 -12.19
C THR A 240 -19.47 -15.33 -13.11
N THR A 241 -18.73 -14.88 -14.13
CA THR A 241 -17.97 -15.77 -15.04
C THR A 241 -16.49 -15.46 -14.94
N THR A 242 -15.65 -16.47 -14.94
CA THR A 242 -14.19 -16.30 -15.04
C THR A 242 -13.66 -17.09 -16.24
N THR A 243 -12.92 -16.41 -17.11
CA THR A 243 -12.43 -16.95 -18.39
C THR A 243 -10.93 -16.77 -18.44
N HIS A 244 -10.23 -17.81 -18.85
CA HIS A 244 -8.84 -17.69 -19.34
C HIS A 244 -8.67 -18.39 -20.68
N GLU A 245 -7.76 -17.89 -21.50
CA GLU A 245 -7.36 -18.60 -22.76
C GLU A 245 -6.83 -19.99 -22.40
N GLY A 246 -7.05 -20.96 -23.30
CA GLY A 246 -6.52 -22.32 -23.16
C GLY A 246 -7.65 -23.30 -22.99
N THR A 247 -7.35 -24.59 -22.96
CA THR A 247 -8.35 -25.67 -22.81
C THR A 247 -8.16 -26.37 -21.45
N ASP A 248 -7.11 -26.00 -20.71
CA ASP A 248 -6.84 -26.48 -19.33
C ASP A 248 -7.81 -25.73 -18.40
N PHE A 249 -8.37 -26.38 -17.38
CA PHE A 249 -8.98 -25.68 -16.22
C PHE A 249 -8.29 -26.17 -14.95
N ASP A 250 -7.48 -25.27 -14.37
CA ASP A 250 -6.67 -25.54 -13.16
C ASP A 250 -6.83 -24.35 -12.23
N ALA A 251 -7.28 -24.59 -11.00
CA ALA A 251 -7.50 -23.49 -10.05
C ALA A 251 -7.31 -23.97 -8.62
N PHE A 252 -6.85 -23.07 -7.77
CA PHE A 252 -6.81 -23.22 -6.30
C PHE A 252 -7.98 -22.43 -5.73
N TYR A 253 -8.80 -23.09 -4.93
CA TYR A 253 -9.94 -22.51 -4.19
C TYR A 253 -9.62 -22.50 -2.70
N PHE A 254 -9.75 -21.37 -2.05
CA PHE A 254 -9.51 -21.26 -0.60
C PHE A 254 -10.67 -20.53 0.03
N PHE A 255 -11.05 -20.98 1.22
CA PHE A 255 -12.25 -20.53 1.94
C PHE A 255 -11.77 -19.98 3.28
N ASN A 256 -12.25 -18.80 3.64
CA ASN A 256 -11.77 -18.17 4.87
C ASN A 256 -12.79 -17.15 5.33
N ASP A 257 -12.84 -16.89 6.62
CA ASP A 257 -13.90 -16.04 7.21
C ASP A 257 -13.37 -14.62 7.48
N SER A 258 -12.14 -14.32 7.10
CA SER A 258 -11.62 -12.94 7.23
C SER A 258 -10.85 -12.59 5.97
N SER A 259 -10.79 -11.31 5.63
CA SER A 259 -9.95 -10.82 4.52
C SER A 259 -8.47 -11.09 4.81
N ALA A 260 -8.01 -10.92 6.04
CA ALA A 260 -6.61 -11.25 6.39
C ALA A 260 -6.33 -12.73 6.06
N GLY A 261 -7.25 -13.62 6.42
CA GLY A 261 -7.14 -15.06 6.17
C GLY A 261 -7.08 -15.34 4.69
N ILE A 262 -7.98 -14.75 3.86
CA ILE A 262 -7.91 -14.92 2.38
C ILE A 262 -6.52 -14.55 1.86
N LEU A 263 -5.97 -13.40 2.28
CA LEU A 263 -4.67 -12.91 1.82
C LEU A 263 -3.59 -13.85 2.34
N LYS A 264 -3.66 -14.29 3.59
CA LYS A 264 -2.67 -15.26 4.10
C LYS A 264 -2.69 -16.58 3.34
N ASP A 265 -3.85 -17.03 2.86
CA ASP A 265 -3.94 -18.26 2.02
C ASP A 265 -3.22 -17.97 0.69
N TYR A 266 -3.52 -16.82 0.05
CA TYR A 266 -2.88 -16.43 -1.21
C TYR A 266 -1.36 -16.39 -0.99
N TYR A 267 -0.92 -15.89 0.17
CA TYR A 267 0.54 -15.73 0.44
C TYR A 267 1.21 -17.06 0.74
N GLU A 268 0.54 -17.93 1.50
CA GLU A 268 1.09 -19.28 1.73
C GLU A 268 1.27 -20.02 0.39
N LEU A 269 0.36 -19.86 -0.55
CA LEU A 269 0.37 -20.56 -1.85
C LEU A 269 1.40 -19.94 -2.79
N THR A 270 1.40 -18.62 -3.00
CA THR A 270 2.19 -17.91 -4.07
C THR A 270 3.38 -17.10 -3.52
N GLY A 271 3.55 -17.04 -2.21
CA GLY A 271 4.72 -16.41 -1.57
C GLY A 271 4.31 -15.20 -0.74
N LYS A 272 4.81 -15.11 0.47
CA LYS A 272 4.60 -13.90 1.29
C LYS A 272 5.30 -12.72 0.65
N PRO A 273 4.71 -11.50 0.74
CA PRO A 273 5.38 -10.33 0.24
C PRO A 273 6.77 -10.16 0.84
N ALA A 274 7.70 -9.77 -0.02
CA ALA A 274 9.00 -9.22 0.45
C ALA A 274 8.75 -8.02 1.36
N LEU A 275 9.57 -7.88 2.41
CA LEU A 275 9.59 -6.70 3.28
C LEU A 275 10.63 -5.72 2.71
N MET A 276 10.19 -4.55 2.28
CA MET A 276 11.17 -3.61 1.72
C MET A 276 12.19 -3.29 2.81
N PRO A 277 13.45 -3.04 2.42
CA PRO A 277 14.42 -2.48 3.37
C PRO A 277 13.94 -1.07 3.77
N GLU A 278 14.36 -0.55 4.92
CA GLU A 278 13.88 0.74 5.46
C GLU A 278 14.01 1.84 4.42
N TYR A 279 15.09 1.87 3.66
CA TYR A 279 15.36 2.99 2.73
C TYR A 279 14.33 3.01 1.61
N GLY A 280 13.70 1.87 1.29
CA GLY A 280 12.69 1.82 0.21
C GLY A 280 11.45 2.64 0.47
N PHE A 281 11.11 2.94 1.74
CA PHE A 281 9.93 3.74 2.16
C PHE A 281 10.22 5.23 1.99
N TYR A 282 11.48 5.59 1.71
CA TYR A 282 11.88 7.00 1.47
C TYR A 282 11.84 7.30 -0.02
N GLU A 283 11.50 8.51 -0.36
CA GLU A 283 11.46 8.91 -1.79
C GLU A 283 12.83 8.67 -2.43
N ALA A 284 12.74 8.32 -3.71
CA ALA A 284 13.88 8.09 -4.60
C ALA A 284 13.92 9.19 -5.66
N HIS A 285 15.08 9.37 -6.24
CA HIS A 285 15.31 10.20 -7.43
C HIS A 285 15.79 9.33 -8.59
N LEU A 286 15.10 9.41 -9.73
CA LEU A 286 15.39 8.54 -10.89
C LEU A 286 15.56 9.41 -12.12
N ASN A 287 16.69 9.27 -12.81
CA ASN A 287 16.91 9.91 -14.12
C ASN A 287 18.16 9.30 -14.74
N ALA A 288 18.54 9.82 -15.90
CA ALA A 288 19.80 9.47 -16.58
C ALA A 288 20.74 10.65 -16.52
N TYR A 289 21.99 10.41 -16.06
CA TYR A 289 23.07 11.40 -15.93
C TYR A 289 24.31 11.03 -16.77
N ASN A 290 24.23 10.09 -17.72
CA ASN A 290 25.39 9.55 -18.46
C ASN A 290 25.38 9.96 -19.94
N ARG A 291 24.29 10.55 -20.46
CA ARG A 291 23.98 10.50 -21.91
C ARG A 291 23.82 11.93 -22.49
N ASP A 292 23.08 12.78 -21.81
CA ASP A 292 22.56 14.02 -22.43
C ASP A 292 23.47 15.23 -22.26
N TYR A 293 23.15 16.28 -23.00
CA TYR A 293 23.89 17.56 -23.02
C TYR A 293 23.01 18.68 -22.51
N TRP A 294 23.64 19.65 -21.86
CA TRP A 294 22.95 20.89 -21.47
C TRP A 294 23.54 22.03 -22.27
N VAL A 295 22.66 22.76 -22.96
CA VAL A 295 23.02 23.90 -23.83
C VAL A 295 22.58 25.21 -23.13
N LYS A 296 23.45 26.20 -23.09
CA LYS A 296 23.17 27.48 -22.42
C LYS A 296 22.19 28.25 -23.30
N VAL A 297 21.08 28.64 -22.72
CA VAL A 297 19.99 29.30 -23.51
C VAL A 297 19.51 30.53 -22.77
N ALA A 298 18.59 31.27 -23.40
CA ALA A 298 17.99 32.45 -22.74
C ALA A 298 16.98 31.96 -21.71
N GLU A 299 16.86 32.71 -20.62
CA GLU A 299 15.76 32.59 -19.66
C GLU A 299 14.47 32.68 -20.47
N GLY A 300 13.50 31.79 -20.21
CA GLY A 300 12.21 31.79 -20.94
C GLY A 300 12.26 30.91 -22.17
N THR A 301 13.42 30.35 -22.54
CA THR A 301 13.48 29.33 -23.61
C THR A 301 12.66 28.11 -23.21
N ALA A 302 11.95 27.47 -24.17
CA ALA A 302 11.15 26.26 -23.89
C ALA A 302 12.10 25.21 -23.30
N GLY A 303 11.78 24.71 -22.10
CA GLY A 303 12.51 23.59 -21.47
C GLY A 303 13.75 24.07 -20.71
N ALA A 304 13.96 25.37 -20.59
CA ALA A 304 15.08 25.94 -19.81
C ALA A 304 14.91 25.69 -18.31
N VAL A 305 16.03 25.41 -17.65
CA VAL A 305 16.15 25.15 -16.20
C VAL A 305 17.30 25.99 -15.70
N LYS A 306 17.09 26.73 -14.63
CA LYS A 306 18.14 27.56 -14.02
C LYS A 306 19.02 26.67 -13.13
N PHE A 307 20.32 26.87 -13.21
CA PHE A 307 21.32 26.13 -12.40
C PHE A 307 22.05 27.07 -11.45
N GLU A 308 22.94 26.50 -10.62
CA GLU A 308 23.60 27.22 -9.50
C GLU A 308 24.57 28.28 -10.00
N ASP A 309 25.06 28.18 -11.23
CA ASP A 309 25.90 29.24 -11.83
C ASP A 309 25.03 30.48 -12.18
N GLY A 310 23.73 30.45 -12.00
CA GLY A 310 22.84 31.60 -12.30
C GLY A 310 22.43 31.64 -13.78
N ASN A 311 22.81 30.61 -14.57
CA ASN A 311 22.53 30.55 -16.01
C ASN A 311 21.41 29.54 -16.27
N PHE A 312 20.76 29.66 -17.43
CA PHE A 312 19.65 28.80 -17.86
C PHE A 312 20.16 27.84 -18.93
N TYR A 313 19.82 26.56 -18.80
CA TYR A 313 20.24 25.54 -19.79
C TYR A 313 19.03 24.72 -20.23
N LYS A 314 19.15 24.15 -21.42
CA LYS A 314 18.15 23.27 -22.02
C LYS A 314 18.83 21.94 -22.35
N GLU A 315 18.13 20.87 -22.03
CA GLU A 315 18.66 19.51 -22.13
C GLU A 315 18.41 18.96 -23.52
N TYR A 316 19.41 18.35 -24.10
CA TYR A 316 19.35 17.72 -25.45
C TYR A 316 19.89 16.28 -25.39
N GLN A 317 19.15 15.33 -25.99
CA GLN A 317 19.72 13.99 -26.33
C GLN A 317 20.76 14.22 -27.41
N PRO A 318 21.85 13.42 -27.46
CA PRO A 318 22.92 13.63 -28.44
C PRO A 318 22.43 13.76 -29.90
N GLY A 319 21.44 12.95 -30.28
CA GLY A 319 20.88 12.94 -31.64
C GLY A 319 20.13 14.21 -31.95
N ASP A 320 19.75 15.02 -30.94
CA ASP A 320 18.92 16.25 -31.15
C ASP A 320 19.77 17.53 -31.10
N LEU A 321 21.08 17.46 -30.78
CA LEU A 321 21.93 18.67 -30.71
C LEU A 321 22.00 19.37 -32.07
N GLY A 322 22.04 18.58 -33.16
CA GLY A 322 22.41 19.14 -34.48
C GLY A 322 23.74 19.87 -34.40
N ASN A 323 23.75 21.18 -34.65
CA ASN A 323 24.99 21.98 -34.69
C ASN A 323 25.24 22.62 -33.32
N LEU A 324 24.44 22.34 -32.29
CA LEU A 324 24.60 23.01 -30.97
C LEU A 324 25.76 22.34 -30.23
N ASN A 325 26.44 23.12 -29.40
CA ASN A 325 27.42 22.63 -28.40
C ASN A 325 26.81 22.81 -27.02
N GLY A 326 27.09 21.84 -26.17
CA GLY A 326 26.57 21.81 -24.82
C GLY A 326 27.52 21.04 -23.95
N THR A 327 27.18 20.96 -22.67
CA THR A 327 28.01 20.29 -21.63
C THR A 327 27.43 18.89 -21.40
N LEU A 328 28.28 17.89 -21.56
CA LEU A 328 27.85 16.47 -21.37
C LEU A 328 27.67 16.22 -19.88
N GLU A 329 26.55 15.60 -19.52
CA GLU A 329 26.29 15.11 -18.15
C GLU A 329 27.24 13.95 -17.82
N SER A 330 27.56 13.78 -16.54
CA SER A 330 28.11 12.50 -16.03
C SER A 330 27.56 12.22 -14.64
N LEU A 331 27.73 11.00 -14.16
CA LEU A 331 27.24 10.68 -12.79
C LEU A 331 28.01 11.50 -11.74
N ASN A 332 29.35 11.56 -11.85
CA ASN A 332 30.19 12.10 -10.76
C ASN A 332 30.58 13.56 -10.99
N GLY A 333 30.23 14.16 -12.14
CA GLY A 333 30.51 15.60 -12.34
C GLY A 333 31.99 15.92 -12.41
N GLU A 334 32.77 15.01 -12.98
CA GLU A 334 34.25 15.05 -12.95
C GLU A 334 34.82 15.81 -14.17
N LYS A 335 33.98 16.27 -15.10
CA LYS A 335 34.38 16.74 -16.46
C LYS A 335 33.93 18.21 -16.68
N GLU A 336 34.20 19.13 -15.74
CA GLU A 336 33.79 20.57 -15.76
C GLU A 336 32.28 20.66 -16.03
N ASN A 337 31.54 19.81 -15.34
CA ASN A 337 30.10 19.62 -15.57
C ASN A 337 29.35 19.32 -14.27
N TYR A 338 29.89 19.69 -13.10
CA TYR A 338 29.39 19.18 -11.81
C TYR A 338 27.90 19.50 -11.63
N GLN A 339 27.47 20.69 -11.98
CA GLN A 339 26.04 21.05 -11.70
C GLN A 339 25.11 20.15 -12.51
N PHE A 340 25.57 19.51 -13.61
CA PHE A 340 24.71 18.66 -14.46
C PHE A 340 24.76 17.19 -14.05
N SER A 341 25.44 16.89 -12.96
CA SER A 341 25.77 15.51 -12.54
C SER A 341 24.71 14.91 -11.61
N ALA A 342 24.76 13.60 -11.46
CA ALA A 342 23.92 12.88 -10.48
C ALA A 342 24.33 13.33 -9.06
N ARG A 343 25.62 13.50 -8.79
CA ARG A 343 26.02 13.92 -7.44
C ARG A 343 25.39 15.29 -7.11
N ALA A 344 25.34 16.20 -8.06
CA ALA A 344 24.74 17.54 -7.83
C ALA A 344 23.29 17.40 -7.36
N VAL A 345 22.58 16.40 -7.84
CA VAL A 345 21.16 16.18 -7.46
C VAL A 345 21.10 15.74 -5.99
N ILE A 346 21.97 14.85 -5.58
CA ILE A 346 22.02 14.45 -4.16
C ILE A 346 22.28 15.69 -3.30
N ASP A 347 23.21 16.54 -3.73
CA ASP A 347 23.56 17.79 -3.06
C ASP A 347 22.36 18.73 -2.96
N ARG A 348 21.50 18.75 -3.99
CA ARG A 348 20.27 19.59 -3.94
C ARG A 348 19.28 19.05 -2.90
N TYR A 349 19.04 17.75 -2.85
CA TYR A 349 18.15 17.14 -1.83
C TYR A 349 18.67 17.51 -0.44
N LYS A 350 19.97 17.44 -0.22
CA LYS A 350 20.54 17.78 1.09
C LYS A 350 20.44 19.29 1.39
N LYS A 351 20.74 20.15 0.43
CA LYS A 351 20.62 21.62 0.60
C LYS A 351 19.17 21.99 0.92
N ASN A 352 18.22 21.30 0.32
CA ASN A 352 16.76 21.57 0.52
C ASN A 352 16.23 20.81 1.73
N ASP A 353 17.09 20.14 2.49
CA ASP A 353 16.72 19.35 3.69
C ASP A 353 15.53 18.42 3.37
N MET A 354 15.67 17.60 2.33
CA MET A 354 14.63 16.66 1.86
C MET A 354 15.08 15.23 2.08
N PRO A 355 14.22 14.37 2.64
CA PRO A 355 14.47 12.93 2.67
C PRO A 355 14.80 12.40 1.27
N LEU A 356 15.79 11.51 1.24
CA LEU A 356 16.19 10.81 0.00
C LEU A 356 16.80 9.45 0.38
N GLY A 357 16.11 8.38 0.02
CA GLY A 357 16.48 7.01 0.35
C GLY A 357 17.44 6.40 -0.66
N TRP A 358 17.14 6.62 -1.92
CA TRP A 358 17.78 5.82 -3.00
C TRP A 358 17.71 6.62 -4.30
N PHE A 359 18.59 6.26 -5.22
CA PHE A 359 18.90 7.05 -6.42
C PHE A 359 19.20 6.09 -7.56
N LEU A 360 18.50 6.23 -8.68
CA LEU A 360 18.77 5.47 -9.92
C LEU A 360 19.36 6.46 -10.93
N PRO A 361 20.64 6.33 -11.29
CA PRO A 361 21.26 7.28 -12.20
C PRO A 361 21.33 6.93 -13.68
N ASN A 362 20.75 5.78 -14.06
CA ASN A 362 20.82 5.24 -15.43
C ASN A 362 19.39 5.05 -15.96
N ASP A 363 18.43 5.76 -15.41
CA ASP A 363 16.99 5.64 -15.79
C ASP A 363 16.77 6.51 -17.03
N GLY A 364 16.97 5.89 -18.19
CA GLY A 364 16.82 6.54 -19.50
C GLY A 364 17.29 5.64 -20.63
N TYR A 365 16.57 5.66 -21.77
CA TYR A 365 16.85 4.70 -22.89
C TYR A 365 18.28 4.91 -23.41
N GLY A 366 19.02 3.80 -23.49
CA GLY A 366 20.41 3.76 -23.95
C GLY A 366 21.32 4.65 -23.12
N ALA A 367 20.95 5.03 -21.89
CA ALA A 367 21.71 6.05 -21.13
C ALA A 367 23.04 5.51 -20.58
N GLY A 368 23.01 4.36 -19.88
CA GLY A 368 24.21 3.72 -19.33
C GLY A 368 24.63 4.31 -18.00
N TYR A 369 25.77 3.86 -17.45
CA TYR A 369 26.24 4.41 -16.16
C TYR A 369 27.75 4.68 -16.20
N GLY A 370 28.34 4.67 -17.39
CA GLY A 370 29.75 5.06 -17.57
C GLY A 370 30.05 5.46 -18.99
N GLN A 371 31.11 6.24 -19.20
CA GLN A 371 31.47 6.78 -20.53
C GLN A 371 32.82 6.21 -20.95
N THR A 372 33.18 5.02 -20.43
CA THR A 372 34.47 4.36 -20.75
C THR A 372 34.31 3.47 -21.99
N ASP A 373 35.34 2.69 -22.30
CA ASP A 373 35.38 1.75 -23.44
C ASP A 373 35.10 0.31 -22.94
N SER A 374 34.64 0.13 -21.72
CA SER A 374 34.48 -1.24 -21.15
C SER A 374 33.35 -1.31 -20.14
N LEU A 375 32.79 -2.51 -19.97
CA LEU A 375 31.82 -2.70 -18.88
C LEU A 375 32.52 -2.44 -17.54
N ASP A 376 33.74 -2.93 -17.35
CA ASP A 376 34.42 -2.78 -16.04
C ASP A 376 34.73 -1.30 -15.76
N GLY A 377 35.13 -0.56 -16.78
CA GLY A 377 35.35 0.89 -16.64
C GLY A 377 34.08 1.57 -16.17
N ASP A 378 32.93 1.19 -16.75
CA ASP A 378 31.64 1.81 -16.40
C ASP A 378 31.24 1.42 -14.98
N VAL A 379 31.41 0.15 -14.62
CA VAL A 379 31.12 -0.32 -13.25
C VAL A 379 31.96 0.49 -12.26
N GLN A 380 33.22 0.78 -12.57
CA GLN A 380 34.06 1.56 -11.63
C GLN A 380 33.54 3.00 -11.51
N ASN A 381 33.05 3.59 -12.60
CA ASN A 381 32.41 4.93 -12.54
C ASN A 381 31.18 4.89 -11.63
N LEU A 382 30.37 3.84 -11.76
CA LEU A 382 29.13 3.70 -10.94
C LEU A 382 29.52 3.46 -9.49
N LYS A 383 30.57 2.69 -9.28
CA LYS A 383 31.04 2.45 -7.90
C LYS A 383 31.37 3.80 -7.24
N GLU A 384 32.15 4.64 -7.89
CA GLU A 384 32.49 5.97 -7.30
C GLU A 384 31.21 6.79 -7.04
N PHE A 385 30.18 6.68 -7.87
CA PHE A 385 28.90 7.36 -7.58
C PHE A 385 28.26 6.76 -6.31
N THR A 386 28.26 5.42 -6.22
CA THR A 386 27.67 4.74 -5.05
C THR A 386 28.43 5.14 -3.78
N ASP A 387 29.75 5.22 -3.84
CA ASP A 387 30.52 5.65 -2.65
C ASP A 387 30.04 7.06 -2.22
N TYR A 388 29.80 7.96 -3.16
CA TYR A 388 29.39 9.35 -2.87
C TYR A 388 27.98 9.35 -2.26
N ALA A 389 27.07 8.63 -2.90
CA ALA A 389 25.69 8.53 -2.40
C ALA A 389 25.70 7.98 -0.98
N GLN A 390 26.42 6.88 -0.76
CA GLN A 390 26.41 6.21 0.57
C GLN A 390 26.98 7.16 1.62
N ALA A 391 27.96 7.99 1.26
CA ALA A 391 28.55 8.97 2.21
C ALA A 391 27.50 10.01 2.60
N ASN A 392 26.42 10.11 1.82
CA ASN A 392 25.30 11.04 2.03
C ASN A 392 24.07 10.30 2.54
N GLY A 393 24.18 9.02 2.91
CA GLY A 393 23.07 8.22 3.46
C GLY A 393 22.08 7.79 2.40
N VAL A 394 22.49 7.69 1.14
CA VAL A 394 21.61 7.34 -0.01
C VAL A 394 22.09 6.01 -0.59
N GLU A 395 21.16 5.13 -0.92
CA GLU A 395 21.52 3.89 -1.61
C GLU A 395 21.43 4.08 -3.11
N VAL A 396 22.08 3.21 -3.88
CA VAL A 396 21.97 3.31 -5.36
C VAL A 396 21.24 2.10 -5.93
N GLY A 397 20.29 2.36 -6.81
CA GLY A 397 19.63 1.32 -7.61
C GLY A 397 19.93 1.48 -9.09
N LEU A 398 19.55 0.50 -9.92
CA LEU A 398 19.72 0.62 -11.38
C LEU A 398 18.40 0.30 -12.06
N TRP A 399 18.15 1.04 -13.12
CA TRP A 399 17.06 0.74 -14.07
C TRP A 399 17.58 -0.32 -15.02
N THR A 400 16.67 -1.01 -15.69
CA THR A 400 17.06 -1.88 -16.80
C THR A 400 15.97 -1.89 -17.86
N GLN A 401 16.42 -1.88 -19.11
CA GLN A 401 15.56 -2.10 -20.33
C GLN A 401 15.89 -3.45 -20.97
N SER A 402 16.72 -4.27 -20.31
CA SER A 402 17.29 -5.49 -20.91
C SER A 402 17.60 -6.58 -19.88
N ASN A 403 17.99 -7.73 -20.40
CA ASN A 403 18.60 -8.83 -19.64
C ASN A 403 19.76 -8.25 -18.83
N LEU A 404 20.07 -8.85 -17.71
CA LEU A 404 20.99 -8.28 -16.70
C LEU A 404 22.31 -9.01 -16.70
N HIS A 405 22.57 -9.89 -17.67
CA HIS A 405 23.82 -10.69 -17.71
C HIS A 405 24.47 -10.54 -19.08
N PRO A 406 25.81 -10.52 -19.18
CA PRO A 406 26.45 -10.51 -20.48
C PRO A 406 26.30 -11.89 -21.14
N ALA A 407 26.39 -11.92 -22.45
CA ALA A 407 26.43 -13.18 -23.23
C ALA A 407 27.57 -14.07 -22.70
N ASP A 408 28.74 -13.49 -22.43
CA ASP A 408 29.87 -14.20 -21.76
C ASP A 408 30.24 -13.41 -20.51
N PRO A 409 29.84 -13.83 -19.29
CA PRO A 409 30.08 -13.00 -18.11
C PRO A 409 31.58 -12.79 -17.89
N LYS A 410 32.42 -13.74 -18.31
CA LYS A 410 33.89 -13.65 -18.21
C LYS A 410 34.50 -12.81 -19.34
N ASN A 411 33.73 -12.36 -20.35
N ASN A 411 33.71 -12.33 -20.32
CA ASN A 411 34.24 -11.40 -21.37
CA ASN A 411 34.18 -11.48 -21.46
C ASN A 411 33.12 -10.42 -21.79
C ASN A 411 33.12 -10.42 -21.80
N PRO A 412 32.77 -9.47 -20.90
CA PRO A 412 31.70 -8.52 -21.21
C PRO A 412 32.07 -7.48 -22.28
N LYS A 413 31.05 -7.03 -23.01
CA LYS A 413 31.19 -5.95 -24.01
C LYS A 413 30.67 -4.65 -23.39
N LYS A 414 31.24 -3.54 -23.85
CA LYS A 414 30.75 -2.21 -23.49
C LYS A 414 29.25 -2.16 -23.82
N GLY A 415 28.45 -1.61 -22.93
CA GLY A 415 26.97 -1.51 -23.12
C GLY A 415 26.21 -2.76 -22.73
N GLU A 416 26.83 -3.91 -22.49
CA GLU A 416 26.09 -5.05 -21.84
C GLU A 416 25.81 -4.69 -20.38
N ARG A 417 25.00 -5.48 -19.71
CA ARG A 417 24.69 -5.35 -18.26
C ARG A 417 25.28 -6.56 -17.52
N ASP A 418 25.67 -6.35 -16.28
CA ASP A 418 26.13 -7.47 -15.42
C ASP A 418 25.69 -7.16 -14.00
N ILE A 419 24.51 -7.62 -13.64
CA ILE A 419 23.92 -7.28 -12.31
C ILE A 419 24.81 -7.88 -11.21
N ALA A 420 25.51 -8.99 -11.46
CA ALA A 420 26.40 -9.57 -10.42
C ALA A 420 27.51 -8.57 -10.09
N LYS A 421 28.16 -7.99 -11.10
CA LYS A 421 29.22 -6.97 -10.88
C LYS A 421 28.61 -5.65 -10.40
N GLU A 422 27.43 -5.26 -10.93
CA GLU A 422 26.78 -4.01 -10.47
C GLU A 422 26.54 -4.11 -8.97
N VAL A 423 26.08 -5.26 -8.49
CA VAL A 423 25.82 -5.49 -7.06
C VAL A 423 27.16 -5.62 -6.31
N SER A 424 28.02 -6.54 -6.71
CA SER A 424 29.20 -6.93 -5.88
C SER A 424 30.32 -5.89 -5.93
N VAL A 425 30.54 -5.23 -7.06
CA VAL A 425 31.66 -4.27 -7.23
C VAL A 425 31.14 -2.86 -6.98
N ALA A 426 30.03 -2.49 -7.60
CA ALA A 426 29.52 -1.11 -7.49
C ALA A 426 28.61 -0.90 -6.28
N GLY A 427 28.13 -1.93 -5.56
CA GLY A 427 27.32 -1.70 -4.34
C GLY A 427 25.88 -1.32 -4.63
N VAL A 428 25.33 -1.65 -5.79
CA VAL A 428 23.90 -1.40 -6.11
C VAL A 428 23.03 -2.28 -5.21
N LYS A 429 21.89 -1.76 -4.76
CA LYS A 429 21.00 -2.52 -3.86
C LYS A 429 19.60 -2.60 -4.42
N ALA A 430 19.25 -1.85 -5.46
CA ALA A 430 17.83 -1.80 -5.88
C ALA A 430 17.79 -1.90 -7.40
N LEU A 431 16.63 -2.25 -7.94
CA LEU A 431 16.43 -2.49 -9.37
C LEU A 431 15.03 -2.01 -9.76
N LYS A 432 14.94 -1.34 -10.89
CA LYS A 432 13.64 -1.00 -11.51
C LYS A 432 13.60 -1.68 -12.88
N THR A 433 12.52 -2.39 -13.19
CA THR A 433 12.39 -3.12 -14.48
C THR A 433 11.47 -2.36 -15.41
N ASN A 434 12.01 -1.81 -16.48
CA ASN A 434 11.25 -1.00 -17.45
C ASN A 434 10.49 -1.97 -18.37
N VAL A 435 9.42 -1.48 -18.99
CA VAL A 435 8.54 -2.30 -19.86
C VAL A 435 9.32 -2.83 -21.07
N ALA A 436 10.37 -2.16 -21.56
CA ALA A 436 11.14 -2.69 -22.71
C ALA A 436 11.79 -4.03 -22.31
N TRP A 437 11.95 -4.32 -21.02
CA TRP A 437 12.46 -5.63 -20.56
C TRP A 437 11.29 -6.59 -20.34
N VAL A 438 10.35 -6.25 -19.46
CA VAL A 438 9.37 -7.24 -18.92
C VAL A 438 8.04 -7.11 -19.67
N GLY A 439 8.00 -6.38 -20.77
CA GLY A 439 6.75 -6.02 -21.48
C GLY A 439 6.04 -7.22 -22.07
N TYR A 440 6.71 -8.36 -22.22
CA TYR A 440 6.08 -9.62 -22.67
C TYR A 440 5.05 -10.14 -21.66
N GLY A 441 5.25 -9.86 -20.39
CA GLY A 441 4.28 -10.17 -19.32
C GLY A 441 4.36 -11.62 -18.84
N TYR A 442 3.44 -11.97 -17.97
CA TYR A 442 3.05 -13.36 -17.64
C TYR A 442 4.30 -14.05 -17.06
N SER A 443 4.77 -15.13 -17.65
CA SER A 443 5.92 -15.90 -17.09
C SER A 443 7.25 -15.16 -17.25
N PHE A 444 7.36 -14.16 -18.15
CA PHE A 444 8.64 -13.43 -18.37
C PHE A 444 9.08 -12.62 -17.14
N GLY A 445 8.17 -11.75 -16.65
CA GLY A 445 8.45 -10.83 -15.54
C GLY A 445 8.84 -11.64 -14.31
N LEU A 446 8.06 -12.67 -13.99
CA LEU A 446 8.29 -13.37 -12.72
C LEU A 446 9.67 -14.04 -12.81
N ASN A 447 10.02 -14.61 -13.97
CA ASN A 447 11.37 -15.23 -14.18
C ASN A 447 12.47 -14.19 -13.95
N GLY A 448 12.33 -13.01 -14.55
CA GLY A 448 13.29 -11.91 -14.45
C GLY A 448 13.46 -11.44 -13.03
N VAL A 449 12.36 -11.19 -12.31
CA VAL A 449 12.49 -10.59 -10.94
C VAL A 449 12.95 -11.67 -9.97
N GLU A 450 12.60 -12.93 -10.21
CA GLU A 450 13.08 -14.03 -9.33
C GLU A 450 14.60 -14.16 -9.50
N ASP A 451 15.10 -14.21 -10.74
CA ASP A 451 16.57 -14.25 -11.00
C ASP A 451 17.26 -13.05 -10.36
N ALA A 452 16.73 -11.84 -10.57
CA ALA A 452 17.36 -10.61 -10.03
C ALA A 452 17.40 -10.67 -8.52
N ALA A 453 16.29 -11.07 -7.85
CA ALA A 453 16.26 -11.15 -6.37
C ALA A 453 17.34 -12.12 -5.87
N ASN A 454 17.51 -13.23 -6.57
CA ASN A 454 18.50 -14.28 -6.23
C ASN A 454 19.93 -13.72 -6.35
N VAL A 455 20.20 -12.85 -7.33
CA VAL A 455 21.56 -12.26 -7.49
C VAL A 455 21.86 -11.30 -6.35
N PHE A 456 20.92 -10.42 -5.99
CA PHE A 456 21.15 -9.49 -4.88
C PHE A 456 21.57 -10.29 -3.64
N VAL A 457 20.79 -11.32 -3.33
CA VAL A 457 20.97 -12.09 -2.07
C VAL A 457 22.27 -12.89 -2.21
N LYS A 458 22.49 -13.58 -3.32
CA LYS A 458 23.68 -14.47 -3.44
C LYS A 458 24.97 -13.63 -3.46
N GLU A 459 25.03 -12.54 -4.24
CA GLU A 459 26.28 -11.75 -4.38
C GLU A 459 26.64 -11.04 -3.08
N THR A 460 25.68 -10.78 -2.18
CA THR A 460 25.93 -10.09 -0.89
C THR A 460 25.89 -11.05 0.30
N ASP A 461 25.80 -12.37 0.05
CA ASP A 461 25.67 -13.38 1.13
C ASP A 461 24.53 -12.99 2.08
N GLY A 462 23.41 -12.46 1.53
CA GLY A 462 22.25 -12.13 2.38
C GLY A 462 22.36 -10.76 3.07
N ALA A 463 23.43 -9.99 2.88
CA ALA A 463 23.56 -8.64 3.51
C ALA A 463 22.59 -7.65 2.86
N VAL A 464 22.10 -7.91 1.65
CA VAL A 464 21.14 -7.00 0.94
C VAL A 464 19.94 -7.85 0.56
N ARG A 465 18.81 -7.52 1.17
CA ARG A 465 17.51 -8.05 0.71
C ARG A 465 17.08 -7.32 -0.56
N PRO A 466 16.25 -7.98 -1.39
CA PRO A 466 15.81 -7.37 -2.63
C PRO A 466 15.09 -6.03 -2.40
N MET A 467 15.29 -5.11 -3.33
CA MET A 467 14.46 -3.91 -3.44
C MET A 467 14.15 -3.70 -4.92
N ILE A 468 13.10 -4.32 -5.41
CA ILE A 468 12.79 -4.38 -6.84
C ILE A 468 11.42 -3.71 -7.08
N VAL A 469 11.39 -2.77 -8.00
CA VAL A 469 10.14 -2.10 -8.42
C VAL A 469 9.87 -2.54 -9.86
N SER A 470 8.68 -3.09 -10.13
CA SER A 470 8.36 -3.75 -11.40
C SER A 470 6.93 -3.42 -11.78
N LEU A 471 6.49 -4.07 -12.85
CA LEU A 471 5.09 -4.02 -13.30
C LEU A 471 4.97 -5.20 -14.25
N ASP A 472 3.83 -5.35 -14.92
CA ASP A 472 3.64 -6.52 -15.80
C ASP A 472 3.87 -7.81 -15.00
N GLY A 473 3.35 -7.83 -13.77
CA GLY A 473 3.51 -8.95 -12.83
C GLY A 473 2.50 -10.05 -13.10
N TRP A 474 2.39 -10.93 -12.14
CA TRP A 474 1.46 -12.08 -12.20
C TRP A 474 1.26 -12.59 -10.77
N ALA A 475 0.52 -13.68 -10.61
CA ALA A 475 0.43 -14.35 -9.29
C ALA A 475 1.86 -14.68 -8.84
N GLY A 476 2.24 -14.29 -7.63
CA GLY A 476 3.58 -14.59 -7.06
C GLY A 476 4.52 -13.41 -7.06
N THR A 477 4.28 -12.35 -7.85
CA THR A 477 5.26 -11.27 -8.03
C THR A 477 5.63 -10.69 -6.65
N GLN A 478 4.67 -10.58 -5.72
CA GLN A 478 4.84 -9.85 -4.44
C GLN A 478 6.03 -10.45 -3.68
N ARG A 479 6.35 -11.73 -3.90
CA ARG A 479 7.40 -12.36 -3.06
C ARG A 479 8.79 -11.81 -3.41
N HIS A 480 8.96 -11.16 -4.55
CA HIS A 480 10.27 -10.60 -5.00
C HIS A 480 10.21 -9.08 -5.14
N ALA A 481 9.08 -8.50 -5.54
CA ALA A 481 9.05 -7.13 -6.05
C ALA A 481 7.78 -6.42 -5.68
N GLY A 482 7.88 -5.09 -5.54
CA GLY A 482 6.71 -4.21 -5.55
C GLY A 482 6.42 -3.72 -6.94
N ILE A 483 5.33 -2.99 -7.09
CA ILE A 483 5.01 -2.44 -8.43
C ILE A 483 4.93 -0.90 -8.36
N TRP A 484 5.22 -0.26 -9.51
CA TRP A 484 4.82 1.13 -9.77
C TRP A 484 3.86 1.10 -10.96
N THR A 485 3.03 2.11 -11.08
CA THR A 485 1.84 2.04 -11.94
C THR A 485 2.17 2.38 -13.41
N GLY A 486 3.40 2.78 -13.70
CA GLY A 486 3.81 3.13 -15.07
C GLY A 486 3.78 4.63 -15.35
N ASP A 487 3.53 5.00 -16.60
CA ASP A 487 3.73 6.39 -17.09
C ASP A 487 2.41 7.11 -17.24
N GLN A 488 2.26 8.19 -16.49
CA GLN A 488 1.08 9.07 -16.66
C GLN A 488 1.51 10.53 -16.59
N THR A 489 0.56 11.40 -16.89
CA THR A 489 0.77 12.85 -16.91
C THR A 489 0.33 13.42 -15.55
N GLY A 490 1.26 14.01 -14.80
CA GLY A 490 0.92 14.82 -13.60
C GLY A 490 0.51 16.24 -13.92
N GLY A 491 0.48 17.10 -12.92
CA GLY A 491 0.06 18.49 -13.10
C GLY A 491 -1.42 18.57 -13.42
N GLN A 492 -2.17 17.53 -13.12
CA GLN A 492 -3.64 17.54 -13.33
C GLN A 492 -4.30 16.65 -12.29
N TRP A 493 -5.49 17.03 -11.86
CA TRP A 493 -6.13 16.35 -10.72
C TRP A 493 -6.38 14.87 -11.01
N GLU A 494 -6.63 14.50 -12.28
CA GLU A 494 -6.89 13.10 -12.67
C GLU A 494 -5.73 12.20 -12.19
N TYR A 495 -4.54 12.77 -12.11
CA TYR A 495 -3.32 12.01 -11.71
C TYR A 495 -3.50 11.46 -10.30
N ILE A 496 -4.13 12.23 -9.44
CA ILE A 496 -4.43 11.79 -8.05
C ILE A 496 -5.69 10.92 -8.03
N ARG A 497 -6.76 11.41 -8.64
CA ARG A 497 -8.06 10.70 -8.58
C ARG A 497 -7.93 9.24 -8.97
N PHE A 498 -7.30 8.87 -10.08
CA PHE A 498 -7.35 7.45 -10.52
C PHE A 498 -6.38 6.62 -9.68
N HIS A 499 -5.36 7.25 -9.12
CA HIS A 499 -4.29 6.52 -8.40
C HIS A 499 -4.81 5.97 -7.06
N ILE A 500 -5.67 6.70 -6.35
CA ILE A 500 -6.10 6.27 -5.00
C ILE A 500 -6.73 4.87 -5.08
N PRO A 501 -7.80 4.60 -5.87
CA PRO A 501 -8.33 3.25 -6.00
C PRO A 501 -7.28 2.27 -6.58
N THR A 502 -6.40 2.75 -7.47
CA THR A 502 -5.35 1.89 -8.06
C THR A 502 -4.55 1.24 -6.93
N TYR A 503 -4.08 2.04 -5.99
CA TYR A 503 -3.26 1.55 -4.83
C TYR A 503 -4.09 0.64 -3.95
N ILE A 504 -5.37 0.98 -3.68
CA ILE A 504 -6.23 0.17 -2.81
C ILE A 504 -6.39 -1.21 -3.43
N GLY A 505 -6.72 -1.28 -4.73
CA GLY A 505 -6.93 -2.57 -5.43
C GLY A 505 -5.67 -3.39 -5.57
N THR A 506 -4.53 -2.76 -5.80
CA THR A 506 -3.24 -3.47 -5.84
C THR A 506 -3.02 -4.23 -4.52
N SER A 507 -3.19 -3.50 -3.43
CA SER A 507 -3.06 -4.04 -2.06
C SER A 507 -4.05 -5.19 -1.82
N LEU A 508 -5.34 -5.08 -2.25
CA LEU A 508 -6.34 -6.15 -2.06
C LEU A 508 -5.98 -7.40 -2.90
N SER A 509 -5.08 -7.25 -3.87
CA SER A 509 -4.66 -8.34 -4.78
C SER A 509 -3.40 -9.01 -4.23
N GLY A 510 -2.99 -8.69 -3.01
CA GLY A 510 -1.83 -9.36 -2.39
C GLY A 510 -0.51 -8.72 -2.72
N GLN A 511 -0.51 -7.43 -3.06
CA GLN A 511 0.72 -6.69 -3.41
C GLN A 511 0.74 -5.46 -2.54
N PRO A 512 1.34 -5.51 -1.34
CA PRO A 512 1.31 -4.37 -0.45
C PRO A 512 2.33 -3.27 -0.79
N ASN A 513 3.31 -3.64 -1.61
CA ASN A 513 4.42 -2.74 -2.00
C ASN A 513 4.03 -2.08 -3.32
N VAL A 514 3.41 -0.92 -3.19
CA VAL A 514 2.85 -0.18 -4.35
C VAL A 514 3.38 1.25 -4.26
N GLY A 515 3.71 1.78 -5.42
CA GLY A 515 4.16 3.15 -5.58
C GLY A 515 3.86 3.70 -6.95
N SER A 516 4.28 4.92 -7.16
CA SER A 516 4.10 5.65 -8.43
C SER A 516 5.03 6.84 -8.47
N ASP A 517 5.02 7.51 -9.60
CA ASP A 517 5.83 8.73 -9.82
C ASP A 517 5.20 9.85 -9.00
N MET A 518 6.04 10.64 -8.39
CA MET A 518 5.61 11.87 -7.69
C MET A 518 5.23 12.95 -8.70
N ASP A 519 3.95 13.26 -8.79
CA ASP A 519 3.42 14.20 -9.80
C ASP A 519 3.79 13.77 -11.22
N GLY A 520 3.82 12.48 -11.48
CA GLY A 520 3.90 12.00 -12.87
C GLY A 520 5.30 12.07 -13.50
N ILE A 521 5.51 11.21 -14.46
CA ILE A 521 6.68 11.25 -15.38
C ILE A 521 6.46 12.39 -16.39
N PHE A 522 5.24 12.60 -16.87
CA PHE A 522 5.05 13.69 -17.83
C PHE A 522 4.33 14.85 -17.15
N GLY A 523 4.30 15.98 -17.85
CA GLY A 523 3.55 17.15 -17.40
C GLY A 523 4.08 17.75 -16.13
N GLY A 524 3.25 18.53 -15.45
CA GLY A 524 3.70 19.35 -14.31
C GLY A 524 3.08 20.72 -14.33
N LYS A 525 3.78 21.70 -13.78
CA LYS A 525 3.46 23.15 -13.80
C LYS A 525 2.10 23.39 -13.14
N ASN A 526 1.71 22.56 -12.17
CA ASN A 526 0.50 22.83 -11.36
C ASN A 526 0.91 22.68 -9.91
N LYS A 527 1.08 23.79 -9.23
CA LYS A 527 1.62 23.80 -7.85
C LYS A 527 0.68 23.04 -6.91
N GLU A 528 -0.63 23.23 -7.05
CA GLU A 528 -1.61 22.63 -6.11
C GLU A 528 -1.61 21.11 -6.25
N VAL A 529 -1.57 20.60 -7.47
CA VAL A 529 -1.56 19.13 -7.68
C VAL A 529 -0.23 18.60 -7.09
N ASN A 530 0.87 19.32 -7.29
CA ASN A 530 2.18 18.86 -6.82
C ASN A 530 2.11 18.68 -5.29
N ILE A 531 1.65 19.70 -4.59
CA ILE A 531 1.55 19.69 -3.09
C ILE A 531 0.61 18.55 -2.68
N ARG A 532 -0.56 18.43 -3.32
CA ARG A 532 -1.54 17.40 -2.94
C ARG A 532 -0.97 16.00 -3.19
N ASP A 533 -0.11 15.81 -4.19
CA ASP A 533 0.42 14.44 -4.46
C ASP A 533 1.47 14.11 -3.38
N PHE A 534 2.32 15.04 -3.03
CA PHE A 534 3.28 14.81 -1.92
C PHE A 534 2.52 14.57 -0.61
N GLN A 535 1.40 15.24 -0.39
CA GLN A 535 0.62 15.11 0.87
C GLN A 535 0.16 13.66 1.05
N TRP A 536 -0.64 13.12 0.11
CA TRP A 536 -1.22 11.79 0.37
C TRP A 536 -0.17 10.68 0.27
N LYS A 537 0.87 10.85 -0.53
CA LYS A 537 1.84 9.75 -0.78
C LYS A 537 2.78 9.64 0.42
N THR A 538 2.75 10.60 1.33
CA THR A 538 3.33 10.40 2.68
C THR A 538 2.82 9.09 3.29
N PHE A 539 1.53 8.79 3.07
CA PHE A 539 0.82 7.65 3.69
C PHE A 539 0.69 6.51 2.66
N THR A 540 1.81 6.20 2.00
CA THR A 540 1.88 5.14 1.00
C THR A 540 3.28 4.57 0.99
N PRO A 541 3.49 3.39 0.40
CA PRO A 541 4.84 2.80 0.50
C PRO A 541 5.96 3.47 -0.32
N VAL A 542 5.85 3.48 -1.64
CA VAL A 542 6.95 3.83 -2.57
C VAL A 542 6.66 5.15 -3.28
N GLN A 543 7.65 6.04 -3.29
CA GLN A 543 7.59 7.39 -3.87
C GLN A 543 8.77 7.60 -4.82
N LEU A 544 8.47 7.80 -6.10
CA LEU A 544 9.49 7.85 -7.17
C LEU A 544 9.52 9.23 -7.80
N ASN A 545 10.61 9.97 -7.64
CA ASN A 545 10.76 11.25 -8.40
C ASN A 545 11.34 10.87 -9.77
N MET A 546 10.47 10.66 -10.75
CA MET A 546 10.82 10.11 -12.06
C MET A 546 11.09 11.30 -12.98
N ASP A 547 12.35 11.71 -13.02
CA ASP A 547 12.78 13.03 -13.57
C ASP A 547 13.18 12.92 -15.05
N GLY A 548 13.09 14.02 -15.81
CA GLY A 548 13.75 14.13 -17.12
C GLY A 548 12.80 14.14 -18.29
N TRP A 549 11.49 13.97 -18.05
CA TRP A 549 10.48 13.84 -19.14
C TRP A 549 9.37 14.86 -18.99
N GLY A 550 9.39 15.65 -17.92
CA GLY A 550 8.22 16.43 -17.50
C GLY A 550 8.29 17.87 -18.00
N SER A 551 7.26 18.63 -17.64
CA SER A 551 7.11 20.08 -17.88
C SER A 551 8.07 20.87 -16.98
N ASN A 552 8.58 20.24 -15.92
CA ASN A 552 9.57 20.81 -14.99
C ASN A 552 10.34 19.64 -14.42
N PRO A 553 11.49 19.87 -13.78
CA PRO A 553 12.19 18.78 -13.12
C PRO A 553 11.29 18.15 -12.04
N LYS A 554 11.54 16.87 -11.76
CA LYS A 554 10.73 16.07 -10.81
C LYS A 554 11.52 15.93 -9.51
N THR A 555 11.29 16.86 -8.61
CA THR A 555 11.82 16.91 -7.23
C THR A 555 10.75 17.53 -6.34
N PRO A 556 10.84 17.37 -5.01
CA PRO A 556 9.95 18.06 -4.08
C PRO A 556 10.28 19.56 -3.96
N PHE A 557 11.25 20.08 -4.71
CA PHE A 557 11.69 21.50 -4.62
C PHE A 557 11.66 22.14 -6.01
N ALA A 558 10.76 21.66 -6.88
CA ALA A 558 10.63 22.14 -8.28
C ALA A 558 9.73 23.40 -8.37
N PHE A 559 8.92 23.70 -7.34
CA PHE A 559 7.93 24.81 -7.37
C PHE A 559 8.42 25.92 -6.43
N ASP A 560 7.54 26.75 -5.91
CA ASP A 560 7.96 27.91 -5.11
C ASP A 560 8.30 27.51 -3.65
N GLN A 561 8.70 28.47 -2.85
CA GLN A 561 9.14 28.14 -1.47
C GLN A 561 7.95 27.54 -0.69
N GLU A 562 6.74 28.04 -0.91
CA GLU A 562 5.56 27.54 -0.16
C GLU A 562 5.37 26.05 -0.47
N ALA A 563 5.35 25.66 -1.74
CA ALA A 563 5.24 24.23 -2.14
C ALA A 563 6.41 23.45 -1.52
N THR A 564 7.61 23.99 -1.62
CA THR A 564 8.82 23.25 -1.19
C THR A 564 8.72 22.99 0.32
N ASP A 565 8.33 23.99 1.10
CA ASP A 565 8.23 23.82 2.57
C ASP A 565 7.11 22.84 2.92
N LEU A 566 5.97 22.83 2.21
CA LEU A 566 4.87 21.86 2.47
C LEU A 566 5.33 20.44 2.09
N ASN A 567 6.01 20.27 0.95
CA ASN A 567 6.45 18.93 0.51
C ASN A 567 7.47 18.44 1.56
N ARG A 568 8.38 19.31 2.00
CA ARG A 568 9.35 18.88 3.05
C ARG A 568 8.60 18.48 4.34
N ALA A 569 7.59 19.25 4.75
CA ALA A 569 6.85 18.97 6.00
C ALA A 569 6.23 17.58 5.92
N TYR A 570 5.68 17.20 4.78
CA TYR A 570 5.02 15.88 4.64
C TYR A 570 6.08 14.78 4.55
N LEU A 571 7.15 15.02 3.78
CA LEU A 571 8.25 14.03 3.68
C LEU A 571 8.85 13.81 5.07
N LYS A 572 9.03 14.86 5.87
CA LYS A 572 9.57 14.69 7.24
C LYS A 572 8.55 13.94 8.10
N LEU A 573 7.24 14.17 7.92
CA LEU A 573 6.24 13.40 8.70
C LEU A 573 6.39 11.90 8.40
N LYS A 574 6.55 11.53 7.14
CA LYS A 574 6.75 10.10 6.79
C LYS A 574 8.00 9.58 7.52
N SER A 575 9.06 10.38 7.54
CA SER A 575 10.32 9.98 8.22
C SER A 575 10.06 9.74 9.71
N MET A 576 9.28 10.59 10.34
CA MET A 576 8.98 10.46 11.79
C MET A 576 8.10 9.24 12.05
N MET A 577 7.26 8.88 11.08
CA MET A 577 6.33 7.74 11.19
C MET A 577 7.02 6.42 10.84
N MET A 578 8.34 6.38 10.60
CA MET A 578 8.93 5.11 10.09
C MET A 578 8.74 3.92 11.06
N PRO A 579 8.80 4.03 12.40
CA PRO A 579 8.49 2.86 13.25
C PRO A 579 7.05 2.32 13.09
N TYR A 580 6.07 3.19 13.00
CA TYR A 580 4.69 2.77 12.63
C TYR A 580 4.69 2.13 11.24
N ASN A 581 5.28 2.80 10.24
CA ASN A 581 5.25 2.36 8.82
C ASN A 581 5.90 0.99 8.70
N TYR A 582 7.04 0.80 9.34
CA TYR A 582 7.78 -0.48 9.19
C TYR A 582 7.05 -1.61 9.94
N SER A 583 6.30 -1.27 10.98
CA SER A 583 5.47 -2.24 11.72
C SER A 583 4.30 -2.70 10.83
N ILE A 584 3.62 -1.78 10.19
CA ILE A 584 2.52 -2.18 9.25
C ILE A 584 3.11 -2.89 8.04
N ALA A 585 4.31 -2.53 7.57
CA ALA A 585 5.00 -3.31 6.50
C ALA A 585 5.19 -4.77 6.95
N LYS A 586 5.73 -5.00 8.15
CA LYS A 586 5.88 -6.38 8.69
C LYS A 586 4.52 -7.10 8.73
N GLU A 587 3.47 -6.42 9.18
CA GLU A 587 2.11 -7.03 9.20
C GLU A 587 1.75 -7.47 7.78
N SER A 588 2.15 -6.70 6.77
CA SER A 588 1.73 -6.96 5.37
C SER A 588 2.44 -8.19 4.79
N VAL A 589 3.54 -8.65 5.39
CA VAL A 589 4.25 -9.88 4.96
C VAL A 589 3.34 -11.11 5.17
N ASP A 590 2.40 -11.05 6.11
CA ASP A 590 1.58 -12.24 6.39
C ASP A 590 0.28 -11.78 7.01
N GLY A 591 -0.37 -10.84 6.34
CA GLY A 591 -1.62 -10.25 6.83
C GLY A 591 -2.08 -9.12 5.95
N LEU A 592 -2.85 -8.23 6.53
CA LEU A 592 -3.44 -7.11 5.77
C LEU A 592 -2.32 -6.25 5.16
N PRO A 593 -2.58 -5.69 3.97
CA PRO A 593 -1.63 -4.80 3.32
C PRO A 593 -1.57 -3.45 4.06
N MET A 594 -0.65 -2.59 3.64
CA MET A 594 -0.42 -1.28 4.30
C MET A 594 -1.53 -0.31 3.92
N VAL A 595 -1.81 -0.14 2.64
CA VAL A 595 -2.94 0.66 2.13
C VAL A 595 -4.15 -0.26 2.23
N ARG A 596 -5.11 0.04 3.09
CA ARG A 596 -6.25 -0.85 3.40
C ARG A 596 -7.56 -0.24 2.93
N ALA A 597 -8.25 -0.96 2.05
CA ALA A 597 -9.64 -0.59 1.71
C ALA A 597 -10.42 -0.45 3.02
N MET A 598 -11.41 0.46 3.04
CA MET A 598 -12.22 0.69 4.25
C MET A 598 -12.79 -0.64 4.72
N ALA A 599 -13.20 -1.53 3.81
CA ALA A 599 -13.87 -2.79 4.17
C ALA A 599 -12.90 -3.69 4.98
N LEU A 600 -11.58 -3.57 4.80
CA LEU A 600 -10.67 -4.44 5.58
C LEU A 600 -10.77 -4.12 7.07
N GLU A 601 -10.96 -2.83 7.40
CA GLU A 601 -10.96 -2.39 8.81
C GLU A 601 -12.38 -2.33 9.37
N PHE A 602 -13.38 -2.16 8.49
CA PHE A 602 -14.80 -1.96 8.88
C PHE A 602 -15.67 -2.89 8.05
N PRO A 603 -15.51 -4.22 8.20
CA PRO A 603 -16.24 -5.17 7.36
C PRO A 603 -17.76 -5.18 7.58
N ASN A 604 -18.24 -4.57 8.67
CA ASN A 604 -19.69 -4.66 9.00
C ASN A 604 -20.45 -3.47 8.41
N GLU A 605 -19.80 -2.59 7.64
CA GLU A 605 -20.46 -1.39 7.09
C GLU A 605 -20.52 -1.48 5.55
N GLY A 606 -21.74 -1.43 4.98
CA GLY A 606 -21.90 -1.49 3.51
C GLY A 606 -21.08 -0.43 2.79
N THR A 607 -21.08 0.79 3.33
CA THR A 607 -20.38 1.92 2.71
C THR A 607 -18.89 1.55 2.47
N ALA A 608 -18.32 0.66 3.27
CA ALA A 608 -16.86 0.40 3.24
C ALA A 608 -16.45 -0.41 1.99
N TYR A 609 -17.41 -0.97 1.27
CA TYR A 609 -17.18 -1.92 0.16
C TYR A 609 -17.38 -1.28 -1.21
N THR A 610 -18.10 -0.15 -1.32
CA THR A 610 -18.59 0.47 -2.59
C THR A 610 -17.67 1.59 -3.07
N LYS A 611 -18.03 2.26 -4.15
CA LYS A 611 -17.24 3.43 -4.61
C LYS A 611 -17.36 4.59 -3.61
N ASP A 612 -18.17 4.49 -2.55
CA ASP A 612 -18.17 5.55 -1.50
C ASP A 612 -16.80 5.50 -0.82
N SER A 613 -16.11 4.39 -0.99
CA SER A 613 -14.78 4.19 -0.37
C SER A 613 -13.63 4.20 -1.39
N GLN A 614 -13.85 4.72 -2.62
CA GLN A 614 -12.82 4.63 -3.69
C GLN A 614 -11.71 5.66 -3.47
N TYR A 615 -11.96 6.78 -2.77
CA TYR A 615 -10.98 7.90 -2.68
C TYR A 615 -10.41 8.03 -1.26
N GLN A 616 -10.47 6.97 -0.45
CA GLN A 616 -9.89 7.06 0.92
C GLN A 616 -9.51 5.66 1.34
N TYR A 617 -8.70 5.52 2.39
CA TYR A 617 -8.19 4.22 2.84
C TYR A 617 -7.65 4.39 4.26
N MET A 618 -7.42 3.28 4.92
CA MET A 618 -6.68 3.18 6.20
C MET A 618 -5.21 2.89 5.88
N TRP A 619 -4.33 3.77 6.37
CA TRP A 619 -2.87 3.57 6.31
C TRP A 619 -2.54 2.84 7.60
N GLY A 620 -2.44 1.51 7.50
CA GLY A 620 -2.43 0.63 8.67
C GLY A 620 -3.74 0.78 9.42
N PRO A 621 -3.80 0.38 10.71
CA PRO A 621 -5.06 0.41 11.44
C PRO A 621 -5.50 1.77 11.99
N ASN A 622 -4.61 2.76 12.02
CA ASN A 622 -4.75 3.91 12.95
C ASN A 622 -5.12 5.20 12.21
N LEU A 623 -4.89 5.30 10.89
CA LEU A 623 -5.03 6.58 10.14
C LEU A 623 -5.94 6.43 8.95
N LEU A 624 -6.97 7.24 8.89
CA LEU A 624 -7.89 7.29 7.73
C LEU A 624 -7.42 8.48 6.88
N VAL A 625 -7.06 8.21 5.64
CA VAL A 625 -6.48 9.18 4.66
C VAL A 625 -7.54 9.42 3.59
N ALA A 626 -7.95 10.66 3.41
CA ALA A 626 -8.96 11.05 2.40
C ALA A 626 -8.36 12.17 1.58
N PRO A 627 -7.51 11.83 0.59
CA PRO A 627 -6.80 12.81 -0.20
C PRO A 627 -7.71 13.77 -0.95
N ILE A 628 -7.21 14.99 -1.09
CA ILE A 628 -7.79 15.96 -2.04
C ILE A 628 -7.46 15.47 -3.44
N TYR A 629 -8.45 15.36 -4.30
CA TYR A 629 -8.25 14.73 -5.63
C TYR A 629 -8.89 15.56 -6.75
N ASN A 630 -9.47 16.71 -6.43
CA ASN A 630 -10.03 17.59 -7.50
C ASN A 630 -9.71 19.04 -7.15
N GLY A 631 -10.00 19.95 -8.08
CA GLY A 631 -9.70 21.38 -7.95
C GLY A 631 -10.88 22.20 -7.43
N ASN A 632 -11.90 21.59 -6.84
CA ASN A 632 -13.03 22.36 -6.28
C ASN A 632 -12.53 23.18 -5.09
N GLN A 633 -12.87 24.47 -5.06
CA GLN A 633 -12.50 25.39 -3.95
C GLN A 633 -13.66 26.26 -3.48
N ASP A 634 -13.57 26.73 -2.23
CA ASP A 634 -14.56 27.64 -1.62
C ASP A 634 -14.15 29.05 -2.03
N GLU A 635 -14.91 30.07 -1.63
CA GLU A 635 -14.57 31.45 -2.05
C GLU A 635 -13.17 31.82 -1.54
N ALA A 636 -12.69 31.24 -0.43
CA ALA A 636 -11.35 31.56 0.15
C ALA A 636 -10.22 30.74 -0.49
N GLY A 637 -10.51 29.80 -1.39
CA GLY A 637 -9.40 29.05 -2.05
C GLY A 637 -9.03 27.78 -1.31
N ASN A 638 -9.70 27.52 -0.18
CA ASN A 638 -9.66 26.17 0.44
C ASN A 638 -10.22 25.16 -0.55
N SER A 639 -9.65 23.96 -0.60
CA SER A 639 -10.25 22.82 -1.30
C SER A 639 -11.55 22.44 -0.61
N ILE A 640 -12.55 22.06 -1.39
CA ILE A 640 -13.82 21.51 -0.85
C ILE A 640 -13.78 20.01 -1.05
N ARG A 641 -13.71 19.27 0.06
CA ARG A 641 -13.66 17.78 0.02
C ARG A 641 -15.04 17.22 0.30
N ASP A 642 -15.61 16.50 -0.64
CA ASP A 642 -16.87 15.76 -0.45
C ASP A 642 -16.60 14.29 -0.20
N GLY A 643 -17.57 13.64 0.44
CA GLY A 643 -17.62 12.18 0.59
C GLY A 643 -16.53 11.66 1.55
N ILE A 644 -16.25 12.39 2.63
CA ILE A 644 -15.35 11.83 3.65
C ILE A 644 -16.13 10.85 4.54
N TYR A 645 -15.96 9.57 4.27
CA TYR A 645 -16.67 8.48 5.00
C TYR A 645 -15.94 8.18 6.32
N LEU A 646 -16.57 8.49 7.44
CA LEU A 646 -16.02 8.18 8.78
C LEU A 646 -16.79 7.00 9.34
N PRO A 647 -16.18 5.80 9.36
CA PRO A 647 -16.88 4.61 9.82
C PRO A 647 -17.23 4.62 11.31
N ASP A 648 -18.27 3.85 11.66
CA ASP A 648 -18.56 3.36 13.04
C ASP A 648 -19.16 4.46 13.91
N GLU A 649 -20.49 4.40 14.12
CA GLU A 649 -21.22 5.42 14.92
C GLU A 649 -20.66 5.52 16.35
N LYS A 650 -19.89 4.55 16.84
CA LYS A 650 -19.34 4.58 18.21
C LYS A 650 -17.91 5.08 18.22
N GLN A 651 -17.34 5.43 17.07
CA GLN A 651 -15.88 5.74 16.97
C GLN A 651 -15.67 7.26 16.83
N VAL A 652 -14.81 7.81 17.67
CA VAL A 652 -14.32 9.21 17.51
C VAL A 652 -13.12 9.21 16.57
N TRP A 653 -13.14 10.13 15.62
CA TRP A 653 -12.06 10.35 14.62
C TRP A 653 -11.43 11.72 14.93
N VAL A 654 -10.11 11.78 14.98
CA VAL A 654 -9.39 12.99 15.42
C VAL A 654 -8.51 13.52 14.29
N ASP A 655 -8.71 14.78 13.89
CA ASP A 655 -7.85 15.45 12.88
C ASP A 655 -6.39 15.33 13.36
N LEU A 656 -5.54 14.63 12.62
CA LEU A 656 -4.11 14.45 13.00
C LEU A 656 -3.41 15.80 13.28
N PHE A 657 -3.71 16.84 12.51
CA PHE A 657 -2.99 18.15 12.54
C PHE A 657 -3.59 19.09 13.59
N THR A 658 -4.90 19.11 13.79
CA THR A 658 -5.56 20.13 14.63
C THR A 658 -6.10 19.57 15.94
N GLY A 659 -6.39 18.25 16.02
CA GLY A 659 -7.07 17.66 17.20
C GLY A 659 -8.59 17.78 17.16
N GLU A 660 -9.17 18.35 16.10
CA GLU A 660 -10.64 18.44 15.95
C GLU A 660 -11.26 17.04 15.89
N LYS A 661 -12.38 16.85 16.60
CA LYS A 661 -13.01 15.51 16.80
C LYS A 661 -14.31 15.42 16.03
N TYR A 662 -14.50 14.26 15.41
CA TYR A 662 -15.66 13.94 14.56
C TYR A 662 -16.18 12.57 14.96
N GLN A 663 -17.50 12.47 15.05
CA GLN A 663 -18.15 11.18 15.31
C GLN A 663 -18.22 10.41 14.00
N GLY A 664 -17.98 9.10 14.09
CA GLY A 664 -18.18 8.15 12.99
C GLY A 664 -19.64 7.89 12.67
N GLY A 665 -19.87 7.01 11.69
CA GLY A 665 -21.21 6.61 11.21
C GLY A 665 -21.78 7.61 10.23
N ARG A 666 -20.96 8.40 9.55
CA ARG A 666 -21.50 9.49 8.68
C ARG A 666 -20.54 9.66 7.52
N VAL A 667 -21.05 10.20 6.42
CA VAL A 667 -20.21 10.72 5.31
C VAL A 667 -20.33 12.24 5.35
N LEU A 668 -19.22 12.95 5.45
CA LEU A 668 -19.18 14.43 5.46
C LEU A 668 -18.99 14.98 4.05
N ASN A 669 -19.86 15.92 3.64
CA ASN A 669 -19.65 16.74 2.41
C ASN A 669 -19.22 18.17 2.78
N GLY A 670 -18.65 18.89 1.80
CA GLY A 670 -18.28 20.32 1.92
C GLY A 670 -17.22 20.61 2.97
N VAL A 671 -16.26 19.70 3.19
CA VAL A 671 -15.19 19.88 4.22
C VAL A 671 -14.13 20.83 3.64
N LYS A 672 -13.90 21.96 4.28
CA LYS A 672 -12.93 22.99 3.83
C LYS A 672 -11.52 22.50 4.20
N THR A 673 -10.64 22.38 3.21
CA THR A 673 -9.25 21.88 3.43
C THR A 673 -8.27 22.86 2.83
N PRO A 674 -7.52 23.60 3.67
CA PRO A 674 -6.53 24.56 3.20
C PRO A 674 -5.45 23.82 2.40
N LEU A 675 -4.75 24.58 1.56
CA LEU A 675 -3.66 24.05 0.71
C LEU A 675 -2.65 23.29 1.57
N TRP A 676 -2.37 23.75 2.79
CA TRP A 676 -1.33 23.15 3.65
C TRP A 676 -1.77 21.78 4.16
N LYS A 677 -3.05 21.44 4.07
CA LYS A 677 -3.64 20.29 4.82
C LYS A 677 -4.10 19.17 3.85
N VAL A 678 -3.90 17.93 4.25
CA VAL A 678 -4.58 16.75 3.63
C VAL A 678 -5.47 16.15 4.71
N PRO A 679 -6.72 15.75 4.41
CA PRO A 679 -7.59 15.17 5.43
C PRO A 679 -7.06 13.81 5.91
N VAL A 680 -6.56 13.78 7.15
CA VAL A 680 -6.05 12.56 7.84
C VAL A 680 -6.65 12.52 9.22
N PHE A 681 -7.34 11.42 9.51
CA PHE A 681 -8.03 11.25 10.80
C PHE A 681 -7.42 10.09 11.56
N VAL A 682 -7.06 10.35 12.80
CA VAL A 682 -6.61 9.29 13.75
C VAL A 682 -7.82 8.58 14.36
N LYS A 683 -7.78 7.25 14.31
CA LYS A 683 -8.80 6.40 14.97
C LYS A 683 -8.56 6.51 16.48
N ASP A 684 -9.41 7.24 17.21
CA ASP A 684 -9.18 7.39 18.66
C ASP A 684 -8.96 6.01 19.30
N GLY A 685 -7.92 5.90 20.12
CA GLY A 685 -7.39 4.63 20.61
C GLY A 685 -5.99 4.38 20.11
N SER A 686 -5.60 5.01 18.99
CA SER A 686 -4.36 4.70 18.27
C SER A 686 -3.12 4.89 19.15
N ILE A 687 -2.20 3.93 19.00
CA ILE A 687 -0.76 4.06 19.39
C ILE A 687 0.04 4.18 18.10
N ILE A 688 0.82 5.25 17.97
CA ILE A 688 1.61 5.50 16.74
C ILE A 688 3.06 5.62 17.16
N PRO A 689 3.87 4.56 16.98
CA PRO A 689 5.32 4.70 17.23
C PRO A 689 5.94 5.72 16.27
N MET A 690 6.78 6.60 16.83
CA MET A 690 7.41 7.72 16.08
C MET A 690 8.91 7.75 16.31
N THR A 691 9.60 8.51 15.46
CA THR A 691 11.06 8.74 15.64
C THR A 691 11.38 10.20 15.31
N ASN A 692 12.63 10.59 15.54
CA ASN A 692 13.10 11.95 15.17
C ASN A 692 12.94 12.13 13.67
N PRO A 693 12.69 13.37 13.19
CA PRO A 693 12.73 13.64 11.75
C PRO A 693 14.12 13.28 11.21
N ASN A 694 14.15 12.76 9.98
CA ASN A 694 15.39 12.19 9.41
C ASN A 694 15.31 12.19 7.89
N ASN A 695 16.44 12.19 7.20
CA ASN A 695 16.44 12.25 5.72
C ASN A 695 16.74 10.86 5.13
N ASN A 696 17.07 9.89 5.97
CA ASN A 696 17.38 8.50 5.57
C ASN A 696 17.52 7.66 6.85
N PRO A 697 17.48 6.33 6.72
CA PRO A 697 17.44 5.46 7.90
C PRO A 697 18.67 5.64 8.80
N LYS A 698 19.79 6.09 8.25
CA LYS A 698 21.05 6.22 9.06
C LYS A 698 20.96 7.41 10.03
N GLU A 699 20.00 8.33 9.86
CA GLU A 699 19.79 9.51 10.71
C GLU A 699 18.81 9.22 11.84
N ILE A 700 18.22 8.02 11.90
CA ILE A 700 17.27 7.63 12.98
C ILE A 700 18.09 7.38 14.26
N GLN A 701 17.64 7.93 15.38
CA GLN A 701 18.21 7.68 16.73
C GLN A 701 17.71 6.32 17.22
N ARG A 702 18.58 5.31 17.13
CA ARG A 702 18.22 3.91 17.51
C ARG A 702 18.23 3.76 19.04
N ASP A 703 18.69 4.77 19.79
CA ASP A 703 18.76 4.75 21.27
C ASP A 703 17.57 5.52 21.86
N GLN A 704 16.49 5.66 21.09
CA GLN A 704 15.30 6.37 21.59
C GLN A 704 14.10 5.61 21.04
N ARG A 705 12.98 5.64 21.75
CA ARG A 705 11.68 5.23 21.20
C ARG A 705 10.67 6.25 21.65
N SER A 706 9.60 6.43 20.87
CA SER A 706 8.62 7.48 21.17
C SER A 706 7.26 6.97 20.70
N PHE A 707 6.21 7.24 21.47
CA PHE A 707 4.84 6.80 21.12
C PHE A 707 3.92 8.01 21.21
N LEU A 708 3.18 8.26 20.12
CA LEU A 708 2.09 9.26 20.09
C LEU A 708 0.79 8.49 20.32
N ILE A 709 0.11 8.73 21.44
CA ILE A 709 -1.01 7.86 21.90
C ILE A 709 -2.25 8.72 22.10
N TYR A 710 -3.35 8.23 21.55
CA TYR A 710 -4.72 8.77 21.66
C TYR A 710 -5.54 7.81 22.48
N PRO A 711 -5.45 7.84 23.83
CA PRO A 711 -6.06 6.78 24.63
C PRO A 711 -7.59 6.74 24.48
N ASN A 712 -8.12 5.54 24.36
CA ASN A 712 -9.58 5.28 24.19
C ASN A 712 -9.80 3.82 24.54
N GLY A 713 -10.13 3.55 25.81
CA GLY A 713 -10.31 2.17 26.31
C GLY A 713 -9.00 1.41 26.27
N ALA A 714 -9.07 0.14 25.88
CA ALA A 714 -7.95 -0.81 25.88
C ALA A 714 -7.51 -1.03 24.44
N THR A 715 -6.33 -0.52 24.08
CA THR A 715 -5.76 -0.68 22.73
C THR A 715 -4.29 -1.12 22.84
N SER A 716 -3.77 -1.62 21.73
CA SER A 716 -2.42 -2.23 21.68
C SER A 716 -1.77 -1.99 20.33
N PHE A 717 -0.45 -2.10 20.29
CA PHE A 717 0.29 -2.01 19.01
C PHE A 717 1.55 -2.85 19.14
N ASN A 718 1.92 -3.55 18.07
CA ASN A 718 3.16 -4.37 18.05
C ASN A 718 4.18 -3.69 17.15
N MET A 719 5.23 -3.13 17.75
CA MET A 719 6.24 -2.37 17.01
C MET A 719 7.32 -3.36 16.57
N TYR A 720 7.54 -3.45 15.28
CA TYR A 720 8.51 -4.35 14.63
C TYR A 720 9.79 -3.57 14.32
N GLU A 721 10.92 -4.24 14.44
CA GLU A 721 12.22 -3.69 13.99
C GLU A 721 13.13 -4.83 13.54
N ASP A 722 14.12 -4.50 12.71
CA ASP A 722 15.18 -5.45 12.28
C ASP A 722 16.38 -4.62 11.80
N ASP A 723 17.37 -5.23 11.13
CA ASP A 723 18.63 -4.53 10.72
C ASP A 723 18.33 -3.60 9.55
N GLY A 724 17.12 -3.69 8.99
CA GLY A 724 16.59 -2.73 8.00
C GLY A 724 17.14 -2.94 6.61
N ILE A 725 17.96 -3.98 6.36
CA ILE A 725 18.66 -4.11 5.05
C ILE A 725 18.87 -5.55 4.62
N SER A 726 19.09 -6.51 5.52
CA SER A 726 19.53 -7.87 5.12
C SER A 726 18.35 -8.85 4.97
N THR A 727 18.64 -10.09 4.56
CA THR A 727 17.65 -11.21 4.50
C THR A 727 17.49 -11.87 5.89
N SER A 728 18.25 -11.45 6.90
CA SER A 728 18.29 -12.11 8.24
C SER A 728 16.93 -12.10 8.92
N TYR A 729 16.03 -11.17 8.59
CA TYR A 729 14.68 -11.21 9.17
C TYR A 729 14.01 -12.55 8.82
N GLU A 730 14.34 -13.17 7.68
CA GLU A 730 13.69 -14.46 7.27
C GLU A 730 14.21 -15.62 8.14
N ALA A 731 15.30 -15.44 8.86
CA ALA A 731 15.92 -16.43 9.77
C ALA A 731 15.69 -16.01 11.24
N GLY A 732 14.67 -15.20 11.53
CA GLY A 732 14.29 -14.84 12.90
C GLY A 732 15.10 -13.70 13.53
N GLN A 733 15.96 -13.01 12.78
CA GLN A 733 16.70 -11.86 13.33
C GLN A 733 15.80 -10.61 13.19
N SER A 734 15.05 -10.31 14.21
CA SER A 734 14.14 -9.15 14.26
C SER A 734 13.72 -9.01 15.70
N ALA A 735 13.11 -7.89 16.07
CA ALA A 735 12.57 -7.71 17.43
C ALA A 735 11.19 -7.06 17.39
N THR A 736 10.39 -7.39 18.39
CA THR A 736 9.03 -6.81 18.55
C THR A 736 8.85 -6.29 19.96
N THR A 737 8.09 -5.22 20.06
CA THR A 737 7.77 -4.56 21.35
C THR A 737 6.27 -4.35 21.37
N LYS A 738 5.60 -4.88 22.39
CA LYS A 738 4.14 -4.69 22.54
C LYS A 738 3.92 -3.47 23.43
N ILE A 739 3.04 -2.57 22.99
CA ILE A 739 2.63 -1.37 23.76
C ILE A 739 1.14 -1.53 24.02
N ASN A 740 0.72 -1.37 25.27
CA ASN A 740 -0.71 -1.42 25.69
C ASN A 740 -1.08 -0.05 26.23
N SER A 741 -2.25 0.46 25.83
CA SER A 741 -2.83 1.69 26.39
C SER A 741 -4.21 1.31 26.97
N GLN A 742 -4.40 1.53 28.26
CA GLN A 742 -5.62 1.10 28.99
C GLN A 742 -6.15 2.31 29.76
N GLY A 743 -7.14 2.98 29.16
CA GLY A 743 -7.62 4.24 29.73
C GLY A 743 -9.12 4.37 29.58
N PRO A 744 -9.62 5.57 29.90
CA PRO A 744 -11.03 5.88 29.74
C PRO A 744 -11.34 5.91 28.24
N LYS A 745 -12.62 5.75 27.91
CA LYS A 745 -13.07 5.90 26.52
C LYS A 745 -12.97 7.38 26.11
N SER A 746 -13.06 7.63 24.81
CA SER A 746 -12.95 8.96 24.19
C SER A 746 -13.71 9.98 25.07
N ASN A 747 -13.01 11.06 25.46
CA ASN A 747 -13.59 12.27 26.10
C ASN A 747 -13.92 12.05 27.57
N GLU A 748 -13.66 10.87 28.14
CA GLU A 748 -14.00 10.54 29.54
C GLU A 748 -12.76 10.62 30.41
N LYS A 749 -12.97 10.84 31.70
CA LYS A 749 -11.87 10.96 32.67
C LYS A 749 -11.69 9.62 33.40
N GLY A 750 -10.45 9.24 33.70
CA GLY A 750 -10.20 8.09 34.58
C GLY A 750 -8.72 7.75 34.67
N ASP A 751 -8.42 6.54 35.11
CA ASP A 751 -7.02 6.06 35.16
C ASP A 751 -6.58 5.66 33.75
N LEU A 752 -5.33 5.97 33.42
CA LEU A 752 -4.67 5.49 32.19
C LEU A 752 -3.43 4.70 32.62
N THR A 753 -3.31 3.47 32.14
CA THR A 753 -2.04 2.72 32.27
C THR A 753 -1.46 2.52 30.88
N VAL A 754 -0.20 2.95 30.64
CA VAL A 754 0.54 2.62 29.40
C VAL A 754 1.65 1.65 29.78
N THR A 755 1.65 0.48 29.18
CA THR A 755 2.66 -0.57 29.46
C THR A 755 3.41 -0.85 28.17
N ILE A 756 4.73 -0.86 28.27
CA ILE A 756 5.59 -1.30 27.16
C ILE A 756 6.23 -2.57 27.66
N GLU A 757 5.86 -3.71 27.07
CA GLU A 757 6.38 -5.04 27.45
C GLU A 757 7.82 -5.13 26.96
N PRO A 758 8.66 -5.95 27.65
CA PRO A 758 10.05 -6.09 27.22
C PRO A 758 10.16 -6.51 25.74
N THR A 759 11.19 -5.99 25.09
CA THR A 759 11.45 -6.23 23.65
C THR A 759 11.91 -7.68 23.49
N LYS A 760 11.30 -8.42 22.56
CA LYS A 760 11.63 -9.82 22.25
C LYS A 760 12.36 -9.89 20.92
N GLY A 761 13.54 -10.50 20.94
CA GLY A 761 14.30 -10.79 19.72
C GLY A 761 15.63 -10.06 19.72
N SER A 762 16.42 -10.30 18.68
CA SER A 762 17.72 -9.65 18.46
C SER A 762 18.08 -9.69 16.98
N TYR A 763 19.07 -8.89 16.60
CA TYR A 763 19.56 -8.78 15.20
C TYR A 763 20.88 -8.01 15.23
N LYS A 764 21.51 -7.90 14.07
CA LYS A 764 22.83 -7.24 13.91
C LYS A 764 22.72 -5.77 14.36
N ASP A 765 23.58 -5.37 15.27
CA ASP A 765 23.70 -3.98 15.79
C ASP A 765 22.41 -3.55 16.49
N PHE A 766 21.65 -4.47 17.07
CA PHE A 766 20.48 -4.18 17.95
C PHE A 766 20.96 -3.24 19.05
N VAL A 767 20.22 -2.18 19.30
CA VAL A 767 20.50 -1.22 20.40
C VAL A 767 19.56 -1.53 21.57
N ASP A 768 20.13 -1.99 22.70
CA ASP A 768 19.34 -2.44 23.87
C ASP A 768 18.96 -1.26 24.76
N GLU A 769 19.85 -0.28 24.93
CA GLU A 769 19.68 0.88 25.86
C GLU A 769 19.04 2.05 25.12
N ARG A 770 17.79 2.33 25.48
CA ARG A 770 16.96 3.37 24.84
C ARG A 770 16.17 4.13 25.90
N SER A 771 16.05 5.42 25.67
CA SER A 771 15.20 6.35 26.45
C SER A 771 13.82 6.19 25.87
N THR A 772 12.80 6.59 26.62
CA THR A 772 11.39 6.44 26.21
C THR A 772 10.67 7.79 26.33
N THR A 773 9.86 8.11 25.33
CA THR A 773 8.96 9.28 25.34
C THR A 773 7.57 8.77 25.04
N LEU A 774 6.63 9.17 25.87
CA LEU A 774 5.18 9.04 25.57
C LEU A 774 4.64 10.44 25.33
N ASP A 775 3.94 10.65 24.22
CA ASP A 775 3.17 11.90 23.99
C ASP A 775 1.71 11.51 24.03
N LEU A 776 1.03 11.78 25.14
CA LEU A 776 -0.37 11.34 25.37
C LEU A 776 -1.28 12.52 25.08
N LEU A 777 -2.08 12.48 24.03
CA LEU A 777 -3.03 13.59 23.80
C LEU A 777 -3.94 13.67 25.03
N ALA A 778 -4.09 14.86 25.58
CA ALA A 778 -4.79 15.10 26.85
C ALA A 778 -5.30 16.54 26.87
N SER A 779 -6.39 16.82 27.62
CA SER A 779 -7.03 18.15 27.63
C SER A 779 -6.80 18.87 28.96
N GLU A 780 -6.29 18.19 29.99
CA GLU A 780 -6.07 18.76 31.35
C GLU A 780 -4.82 18.14 31.95
N ALA A 781 -4.14 18.86 32.84
CA ALA A 781 -3.04 18.29 33.65
C ALA A 781 -3.61 17.13 34.45
N PRO A 782 -2.83 16.05 34.65
CA PRO A 782 -3.30 14.92 35.42
C PRO A 782 -3.27 15.19 36.93
N GLU A 783 -3.96 14.35 37.70
CA GLU A 783 -3.84 14.37 39.18
C GLU A 783 -2.43 13.90 39.54
N SER A 784 -1.93 12.85 38.88
CA SER A 784 -0.59 12.31 39.17
C SER A 784 -0.07 11.46 38.02
N VAL A 785 1.25 11.25 38.00
CA VAL A 785 1.91 10.37 37.01
C VAL A 785 2.97 9.58 37.76
N THR A 786 2.90 8.27 37.69
CA THR A 786 3.88 7.36 38.35
C THR A 786 4.41 6.37 37.32
N ALA A 787 5.65 5.93 37.55
CA ALA A 787 6.41 5.10 36.60
C ALA A 787 7.02 3.93 37.36
N MET A 788 6.84 2.74 36.79
CA MET A 788 7.56 1.51 37.17
C MET A 788 8.40 1.07 35.96
N VAL A 789 9.68 0.80 36.20
CA VAL A 789 10.63 0.29 35.18
C VAL A 789 11.16 -1.05 35.70
N GLY A 790 10.78 -2.14 35.04
CA GLY A 790 11.13 -3.53 35.43
C GLY A 790 10.77 -3.81 36.87
N GLY A 791 9.62 -3.29 37.33
CA GLY A 791 9.03 -3.51 38.66
C GLY A 791 9.59 -2.62 39.77
N THR A 792 10.51 -1.68 39.46
CA THR A 792 11.10 -0.71 40.42
C THR A 792 10.55 0.69 40.15
N GLU A 793 10.09 1.41 41.17
CA GLU A 793 9.49 2.76 40.98
C GLU A 793 10.57 3.73 40.50
N VAL A 794 10.23 4.58 39.53
CA VAL A 794 11.08 5.73 39.11
C VAL A 794 10.31 7.00 39.43
N THR A 795 10.92 7.89 40.20
CA THR A 795 10.32 9.18 40.63
C THR A 795 10.33 10.13 39.45
N LEU A 796 9.16 10.68 39.13
CA LEU A 796 8.95 11.64 38.01
C LEU A 796 8.77 13.03 38.60
N LYS A 797 9.51 14.02 38.12
CA LYS A 797 9.25 15.44 38.47
C LYS A 797 8.30 16.02 37.42
N GLN A 798 7.43 16.94 37.83
CA GLN A 798 6.68 17.80 36.89
C GLN A 798 7.60 18.90 36.37
N ALA A 799 7.84 18.98 35.07
CA ALA A 799 8.61 20.08 34.47
C ALA A 799 7.82 21.39 34.63
N ALA A 800 8.51 22.48 34.97
CA ALA A 800 7.90 23.81 35.21
C ALA A 800 7.54 24.44 33.85
N ASN A 801 8.28 24.08 32.80
CA ASN A 801 8.14 24.65 31.45
C ASN A 801 8.75 23.70 30.41
N LYS A 802 8.51 24.00 29.14
CA LYS A 802 8.88 23.13 28.01
C LYS A 802 10.40 23.00 27.91
N GLU A 803 11.14 24.06 28.27
CA GLU A 803 12.62 24.10 28.19
C GLU A 803 13.18 23.06 29.17
N GLU A 804 12.67 23.05 30.40
CA GLU A 804 13.05 22.06 31.45
C GLU A 804 12.72 20.66 30.93
N PHE A 805 11.50 20.47 30.41
CA PHE A 805 11.08 19.16 29.87
C PHE A 805 12.07 18.67 28.82
N LEU A 806 12.39 19.49 27.80
CA LEU A 806 13.23 19.05 26.65
C LEU A 806 14.63 18.65 27.15
N ALA A 807 15.15 19.34 28.15
CA ALA A 807 16.56 19.22 28.63
C ALA A 807 16.70 18.10 29.68
N GLY A 808 15.60 17.70 30.34
CA GLY A 808 15.61 16.74 31.45
C GLY A 808 15.10 15.36 31.06
N THR A 809 15.16 14.43 32.01
CA THR A 809 14.64 13.04 31.88
C THR A 809 13.90 12.70 33.17
N ASN A 810 13.08 11.65 33.16
CA ASN A 810 12.26 11.21 34.33
C ASN A 810 11.40 12.39 34.78
N LEU A 811 10.65 12.94 33.83
CA LEU A 811 9.83 14.16 33.93
C LEU A 811 8.50 13.88 33.20
N TYR A 812 7.44 14.57 33.60
CA TYR A 812 6.23 14.73 32.74
C TYR A 812 5.94 16.22 32.61
N TYR A 813 5.17 16.57 31.60
CA TYR A 813 4.83 17.97 31.27
C TYR A 813 3.51 17.96 30.53
N PHE A 814 2.57 18.76 31.02
CA PHE A 814 1.28 19.06 30.36
C PHE A 814 1.49 20.30 29.48
N ASP A 815 1.49 20.10 28.18
CA ASP A 815 1.93 21.04 27.13
C ASP A 815 0.70 21.43 26.31
N LYS A 816 0.32 22.70 26.29
CA LYS A 816 -0.79 23.19 25.39
C LYS A 816 -0.23 23.72 24.07
N GLU A 817 1.08 23.59 23.85
CA GLU A 817 1.80 24.05 22.64
C GLU A 817 2.49 22.84 21.97
N PHE A 818 1.86 21.66 22.07
CA PHE A 818 2.46 20.43 21.50
C PHE A 818 2.21 20.43 19.99
N GLN A 819 3.28 20.32 19.21
CA GLN A 819 3.17 20.30 17.71
C GLN A 819 3.50 18.90 17.18
N VAL A 820 2.57 18.27 16.47
CA VAL A 820 2.84 16.90 15.93
C VAL A 820 3.89 17.05 14.82
N ASN A 821 3.95 18.20 14.16
CA ASN A 821 4.88 18.39 13.02
C ASN A 821 5.25 19.87 12.90
N GLN A 822 6.32 20.27 13.55
CA GLN A 822 6.75 21.69 13.54
C GLN A 822 7.03 22.20 12.11
N TYR A 823 7.52 21.33 11.20
CA TYR A 823 7.76 21.73 9.79
C TYR A 823 6.43 22.20 9.22
N LEU A 824 5.34 21.51 9.55
CA LEU A 824 4.01 21.85 8.96
C LEU A 824 3.47 23.13 9.61
N SER A 825 3.63 23.28 10.93
CA SER A 825 3.28 24.55 11.62
C SER A 825 3.97 25.71 10.90
N GLU A 826 5.27 25.62 10.68
CA GLU A 826 6.03 26.71 10.04
C GLU A 826 5.63 26.88 8.57
N ALA A 827 5.37 25.80 7.81
CA ALA A 827 5.02 25.86 6.35
C ALA A 827 3.59 26.40 6.18
N SER A 828 2.67 26.10 7.09
CA SER A 828 1.24 26.48 6.99
C SER A 828 1.04 27.92 7.49
N GLY A 829 1.94 28.45 8.33
CA GLY A 829 1.78 29.73 9.04
C GLY A 829 0.75 29.64 10.17
N GLU A 830 0.34 28.43 10.58
CA GLU A 830 -0.61 28.20 11.69
C GLU A 830 0.17 27.51 12.82
N LYS A 831 -0.18 27.76 14.09
CA LYS A 831 0.63 27.18 15.18
C LYS A 831 0.41 25.66 15.22
N LEU A 832 -0.81 25.24 14.89
CA LEU A 832 -1.27 23.83 14.93
C LEU A 832 -0.90 23.23 16.30
N ASN A 833 -1.17 24.01 17.35
CA ASN A 833 -0.90 23.63 18.76
C ASN A 833 -1.96 22.59 19.17
N GLN A 834 -1.52 21.56 19.87
CA GLN A 834 -2.42 20.60 20.55
C GLN A 834 -2.01 20.46 22.02
N SER A 835 -2.90 19.90 22.84
CA SER A 835 -2.63 19.66 24.28
C SER A 835 -2.19 18.21 24.44
N ALA A 836 -1.09 18.01 25.13
CA ALA A 836 -0.53 16.66 25.33
C ALA A 836 0.13 16.59 26.70
N LEU A 837 -0.03 15.43 27.32
CA LEU A 837 0.74 15.07 28.53
C LEU A 837 1.92 14.23 28.06
N SER A 838 3.12 14.77 28.18
CA SER A 838 4.34 14.09 27.67
C SER A 838 5.13 13.56 28.86
N VAL A 839 5.68 12.36 28.69
CA VAL A 839 6.46 11.66 29.74
C VAL A 839 7.77 11.20 29.12
N LYS A 840 8.89 11.47 29.80
CA LYS A 840 10.22 11.02 29.33
C LYS A 840 10.86 10.21 30.45
N LEU A 841 11.35 9.02 30.09
CA LEU A 841 12.13 8.14 30.98
C LEU A 841 13.55 8.01 30.44
N ALA A 842 14.49 7.91 31.37
CA ALA A 842 15.92 7.74 31.09
C ALA A 842 16.17 6.42 30.37
N LYS A 843 17.34 6.33 29.73
CA LYS A 843 17.82 5.11 29.08
C LYS A 843 17.69 3.94 30.05
N GLN A 844 17.17 2.83 29.53
CA GLN A 844 17.05 1.51 30.20
C GLN A 844 17.28 0.42 29.15
N SER A 845 17.56 -0.79 29.63
CA SER A 845 17.51 -2.00 28.79
C SER A 845 16.06 -2.31 28.36
N VAL A 846 15.78 -2.31 27.06
CA VAL A 846 14.37 -2.53 26.60
C VAL A 846 14.04 -4.03 26.65
N THR A 847 15.08 -4.89 26.64
CA THR A 847 14.94 -6.37 26.70
C THR A 847 14.74 -6.82 28.15
N ALA A 848 15.46 -6.22 29.10
CA ALA A 848 15.51 -6.71 30.50
C ALA A 848 14.38 -6.09 31.33
N LYS A 849 13.93 -4.86 31.01
CA LYS A 849 12.98 -4.11 31.88
C LYS A 849 11.81 -3.57 31.06
N ASP A 850 10.60 -3.78 31.54
CA ASP A 850 9.36 -3.19 30.95
C ASP A 850 9.22 -1.72 31.40
N VAL A 851 8.14 -1.06 30.94
CA VAL A 851 7.73 0.28 31.39
C VAL A 851 6.26 0.16 31.75
N GLN A 852 5.91 0.65 32.94
CA GLN A 852 4.49 0.85 33.29
C GLN A 852 4.32 2.29 33.75
N ILE A 853 3.52 3.07 33.03
CA ILE A 853 3.23 4.48 33.41
C ILE A 853 1.76 4.54 33.78
N THR A 854 1.45 5.09 34.95
CA THR A 854 0.07 5.26 35.47
C THR A 854 -0.27 6.73 35.63
N VAL A 855 -1.34 7.15 34.98
CA VAL A 855 -1.84 8.54 35.05
C VAL A 855 -3.19 8.49 35.74
N LYS A 856 -3.29 9.11 36.91
CA LYS A 856 -4.58 9.31 37.63
C LYS A 856 -5.20 10.63 37.15
N GLY A 857 -6.52 10.63 36.89
CA GLY A 857 -7.25 11.80 36.35
C GLY A 857 -6.87 12.12 34.93
N PHE A 858 -6.60 11.10 34.13
CA PHE A 858 -6.35 11.28 32.69
C PHE A 858 -7.66 11.66 31.99
N ILE A 859 -7.61 12.64 31.11
CA ILE A 859 -8.78 13.04 30.26
C ILE A 859 -8.25 13.65 28.97
N ASN A 860 -8.82 13.23 27.83
CA ASN A 860 -8.62 13.90 26.53
C ASN A 860 -9.98 14.27 25.97
N LYS A 861 -10.52 15.41 26.40
CA LYS A 861 -11.91 15.79 26.06
C LYS A 861 -11.90 16.98 25.10
N GLY A 862 -12.67 16.89 24.04
CA GLY A 862 -12.97 18.04 23.16
C GLY A 862 -14.38 17.91 22.66
N THR A 863 -14.93 18.95 22.06
CA THR A 863 -16.26 18.92 21.42
C THR A 863 -16.18 18.00 20.20
N VAL A 864 -17.12 17.07 20.07
CA VAL A 864 -17.18 16.14 18.91
C VAL A 864 -18.27 16.61 17.95
N ASP A 865 -17.90 16.86 16.70
CA ASP A 865 -18.88 17.11 15.61
C ASP A 865 -19.71 15.84 15.44
N GLY A 866 -21.04 15.94 15.62
CA GLY A 866 -21.93 14.78 15.50
C GLY A 866 -21.89 13.86 16.71
N GLY A 867 -21.28 14.32 17.82
CA GLY A 867 -21.11 13.59 19.12
C GLY A 867 -22.41 13.06 19.73
N ASN A 868 -23.57 13.68 19.54
CA ASN A 868 -24.82 13.11 20.09
C ASN A 868 -25.57 12.24 19.05
N THR A 869 -25.42 10.91 19.11
CA THR A 869 -25.92 9.94 18.09
C THR A 869 -27.25 9.31 18.55
N THR A 870 -27.81 9.71 19.69
CA THR A 870 -29.11 9.19 20.20
C THR A 870 -30.23 9.84 19.38
N VAL A 871 -31.42 9.23 19.40
CA VAL A 871 -32.66 9.77 18.76
C VAL A 871 -33.36 10.67 19.78
N ASP A 872 -33.83 11.83 19.32
CA ASP A 872 -34.48 12.90 20.13
C ASP A 872 -35.93 13.07 19.63
N ASP A 873 -36.92 12.80 20.48
CA ASP A 873 -38.38 12.97 20.21
C ASP A 873 -38.75 14.46 20.23
N GLN A 874 -38.06 15.26 21.05
CA GLN A 874 -38.32 16.72 21.25
C GLN A 874 -37.93 17.54 20.00
N LEU A 875 -37.40 16.90 18.94
CA LEU A 875 -36.82 17.57 17.73
C LEU A 875 -37.70 17.36 16.49
N THR A 876 -38.01 18.46 15.78
CA THR A 876 -38.87 18.58 14.56
C THR A 876 -38.84 17.30 13.70
N ILE A 877 -38.03 17.26 12.64
CA ILE A 877 -37.98 16.12 11.67
C ILE A 877 -36.68 16.22 10.83
N ILE A 883 -37.28 16.68 -3.38
CA ILE A 883 -36.51 16.71 -4.67
C ILE A 883 -36.78 18.05 -5.35
N ASN A 884 -35.76 18.89 -5.54
CA ASN A 884 -35.83 20.14 -6.35
C ASN A 884 -35.67 19.78 -7.83
N GLU A 885 -36.79 19.65 -8.54
CA GLU A 885 -36.90 19.14 -9.95
C GLU A 885 -36.07 20.02 -10.88
N GLU A 886 -35.96 21.31 -10.55
CA GLU A 886 -35.28 22.39 -11.32
C GLU A 886 -33.83 22.02 -11.69
N LYS A 887 -33.04 21.48 -10.75
CA LYS A 887 -31.59 21.23 -11.00
C LYS A 887 -31.25 19.74 -10.82
N THR A 888 -32.17 18.86 -11.24
CA THR A 888 -31.84 17.47 -11.69
C THR A 888 -30.90 17.61 -12.90
N THR A 889 -29.79 16.87 -12.91
CA THR A 889 -28.81 16.77 -14.03
C THR A 889 -28.57 15.28 -14.33
N LEU A 893 -28.82 15.11 -8.11
CA LEU A 893 -30.12 15.47 -7.48
C LEU A 893 -29.88 16.39 -6.28
N THR A 894 -30.85 17.27 -6.00
CA THR A 894 -30.82 18.19 -4.83
C THR A 894 -32.17 18.09 -4.08
N LEU A 895 -32.10 17.88 -2.76
CA LEU A 895 -33.27 17.83 -1.84
C LEU A 895 -33.46 19.19 -1.17
N GLN A 896 -34.66 19.43 -0.61
CA GLN A 896 -35.01 20.67 0.13
C GLN A 896 -35.72 20.30 1.44
N SER A 905 -27.66 21.63 12.40
CA SER A 905 -27.45 21.22 10.98
C SER A 905 -28.30 19.97 10.63
N TYR A 906 -28.09 19.39 9.45
CA TYR A 906 -28.99 18.37 8.82
C TYR A 906 -28.19 17.12 8.45
N GLU A 907 -28.84 15.96 8.42
CA GLU A 907 -28.30 14.71 7.81
C GLU A 907 -29.32 14.19 6.80
N VAL A 908 -28.81 13.61 5.71
CA VAL A 908 -29.61 12.94 4.64
C VAL A 908 -29.08 11.52 4.45
N GLU A 909 -29.96 10.51 4.43
CA GLU A 909 -29.60 9.12 4.07
C GLU A 909 -29.82 8.96 2.56
N ARG A 910 -28.76 8.64 1.83
CA ARG A 910 -28.79 8.42 0.35
C ARG A 910 -28.52 6.93 0.13
N ASP A 911 -29.53 6.15 -0.28
CA ASP A 911 -29.45 4.68 -0.50
C ASP A 911 -28.92 4.00 0.77
N GLY A 912 -29.39 4.41 1.94
CA GLY A 912 -28.98 3.81 3.22
C GLY A 912 -27.57 4.19 3.67
N THR A 913 -26.97 5.25 3.10
CA THR A 913 -25.71 5.88 3.60
C THR A 913 -26.03 7.28 4.14
N VAL A 914 -25.56 7.62 5.35
CA VAL A 914 -25.91 8.89 6.03
C VAL A 914 -24.85 9.97 5.74
N PHE A 915 -25.27 11.10 5.21
CA PHE A 915 -24.44 12.30 4.93
C PHE A 915 -24.70 13.42 5.95
N GLY A 916 -23.63 13.98 6.50
CA GLY A 916 -23.70 15.12 7.43
C GLY A 916 -22.81 16.29 7.03
N ASN A 917 -22.64 17.25 7.95
CA ASN A 917 -21.99 18.57 7.69
C ASN A 917 -22.83 19.30 6.66
N ILE A 918 -24.15 19.09 6.68
CA ILE A 918 -25.14 19.84 5.84
C ILE A 918 -25.71 20.97 6.70
N GLN A 919 -25.19 22.19 6.50
CA GLN A 919 -25.41 23.34 7.42
C GLN A 919 -26.51 24.27 6.90
N THR A 920 -27.27 23.89 5.86
CA THR A 920 -28.49 24.61 5.39
C THR A 920 -29.64 23.62 5.12
N ASN A 921 -30.80 24.15 4.70
CA ASN A 921 -32.07 23.40 4.49
C ASN A 921 -31.96 22.41 3.32
N THR A 922 -30.92 22.55 2.48
CA THR A 922 -30.76 21.87 1.17
C THR A 922 -29.37 21.24 1.02
N ALA A 923 -29.21 20.38 0.01
CA ALA A 923 -28.01 19.52 -0.22
C ALA A 923 -28.10 18.83 -1.59
N THR A 924 -26.95 18.70 -2.25
CA THR A 924 -26.76 18.11 -3.60
C THR A 924 -26.00 16.77 -3.48
N PHE A 925 -26.45 15.73 -4.22
CA PHE A 925 -25.75 14.43 -4.34
C PHE A 925 -25.52 14.11 -5.82
N ASP A 926 -24.23 14.12 -6.20
CA ASP A 926 -23.72 13.90 -7.57
C ASP A 926 -23.25 12.45 -7.68
N GLY A 927 -22.40 12.14 -8.68
CA GLY A 927 -21.76 10.83 -8.84
C GLY A 927 -22.75 9.72 -9.16
N PHE A 928 -23.90 10.06 -9.75
CA PHE A 928 -24.97 9.12 -10.16
C PHE A 928 -24.84 8.78 -11.66
N SER A 929 -25.28 7.58 -12.06
CA SER A 929 -25.47 7.14 -13.48
C SER A 929 -26.49 8.07 -14.17
N PHE A 930 -26.42 8.20 -15.50
CA PHE A 930 -27.09 9.25 -16.32
C PHE A 930 -28.60 9.32 -16.08
N LEU A 931 -29.28 8.20 -15.81
CA LEU A 931 -30.77 8.14 -15.70
C LEU A 931 -31.16 7.09 -14.65
N SER A 932 -30.43 7.03 -13.53
CA SER A 932 -30.65 6.07 -12.42
C SER A 932 -31.65 6.65 -11.41
N GLU A 933 -32.17 5.80 -10.53
CA GLU A 933 -33.08 6.19 -9.42
C GLU A 933 -32.40 5.86 -8.09
N HIS A 934 -32.76 6.61 -7.05
CA HIS A 934 -32.16 6.51 -5.69
C HIS A 934 -33.26 6.77 -4.63
N THR A 935 -32.95 6.50 -3.37
CA THR A 935 -33.90 6.54 -2.22
C THR A 935 -33.31 7.45 -1.14
N PHE A 936 -34.08 8.46 -0.70
CA PHE A 936 -33.66 9.50 0.28
C PHE A 936 -34.67 9.61 1.44
N ARG A 937 -34.15 9.95 2.63
CA ARG A 937 -34.91 10.64 3.70
C ARG A 937 -33.93 11.49 4.52
N VAL A 938 -34.48 12.37 5.35
CA VAL A 938 -33.75 13.47 6.05
C VAL A 938 -34.09 13.35 7.55
N ARG A 939 -33.21 13.90 8.40
CA ARG A 939 -33.51 14.21 9.83
C ARG A 939 -32.73 15.46 10.22
N ALA A 940 -33.20 16.20 11.24
CA ALA A 940 -32.55 17.40 11.79
C ALA A 940 -31.58 16.94 12.90
N VAL A 941 -30.60 17.78 13.23
CA VAL A 941 -29.53 17.49 14.23
C VAL A 941 -29.57 18.61 15.28
N GLY A 942 -29.81 18.22 16.54
CA GLY A 942 -29.81 19.13 17.70
C GLY A 942 -28.95 18.56 18.82
N LYS A 943 -28.80 19.32 19.89
CA LYS A 943 -27.81 19.07 20.98
C LYS A 943 -28.23 17.87 21.85
N ASN A 944 -29.49 17.40 21.79
CA ASN A 944 -29.95 16.14 22.43
C ASN A 944 -30.09 14.97 21.45
N GLY A 945 -29.73 15.15 20.17
CA GLY A 945 -29.75 14.06 19.20
C GLY A 945 -30.37 14.45 17.87
N VAL A 946 -30.73 13.43 17.09
CA VAL A 946 -31.24 13.54 15.70
C VAL A 946 -32.73 13.18 15.73
N SER A 947 -33.56 13.82 14.90
CA SER A 947 -35.01 13.49 14.79
C SER A 947 -35.14 12.05 14.27
N GLU A 948 -36.37 11.55 14.24
CA GLU A 948 -36.75 10.39 13.39
C GLU A 948 -36.50 10.78 11.91
N TRP A 949 -36.40 9.79 11.02
CA TRP A 949 -36.16 9.93 9.56
C TRP A 949 -37.36 10.55 8.80
N SER A 950 -38.03 9.75 7.96
CA SER A 950 -39.23 10.08 7.15
C SER A 950 -39.67 8.82 6.42
O5 A2G B . 11.45 4.53 -19.57
C1 A2G B . 10.07 4.14 -19.61
C2 A2G B . 9.60 3.91 -18.17
N2 A2G B . 8.24 3.45 -18.15
C3 A2G B . 9.79 5.15 -17.29
O3 A2G B . 9.42 4.90 -15.95
C4 A2G B . 11.27 5.57 -17.36
O4 A2G B . 11.98 4.57 -16.66
C5 A2G B . 11.70 5.72 -18.81
C6 A2G B . 13.20 5.94 -18.93
O6 A2G B . 13.64 7.12 -18.31
C7 A2G B . 7.88 2.17 -18.19
O7 A2G B . 8.71 1.26 -18.25
C8 A2G B . 6.40 1.89 -18.24
N SER C . 7.20 5.56 -22.01
CA SER C . 8.48 6.26 -22.13
C SER C . 8.72 6.66 -23.60
O SER C . 9.78 6.47 -24.20
CB SER C . 9.57 5.40 -21.54
OG SER C . 9.28 5.21 -20.16
OXT SER C . 7.76 7.20 -24.20
C1 EDO D . 9.89 -5.15 -2.56
O1 EDO D . 10.03 -4.03 -3.42
C2 EDO D . 11.22 -5.79 -2.40
O2 EDO D . 11.84 -6.08 -3.65
C1 EDO E . 12.63 2.76 11.69
O1 EDO E . 12.25 3.49 12.83
C2 EDO E . 12.05 1.40 11.50
O2 EDO E . 12.26 0.54 12.63
C1 EDO F . -14.63 -27.08 -10.83
O1 EDO F . -15.24 -26.16 -9.95
C2 EDO F . -15.58 -27.66 -11.79
O2 EDO F . -16.70 -28.34 -11.23
C1 EDO G . -13.78 -11.40 3.69
O1 EDO G . -14.99 -10.93 3.20
C2 EDO G . -13.65 -12.84 3.47
O2 EDO G . -14.39 -13.61 4.39
C1 EDO H . -17.75 -29.46 -15.15
O1 EDO H . -18.44 -29.43 -16.39
C2 EDO H . -18.52 -28.76 -14.09
O2 EDO H . -18.58 -27.36 -14.32
C1 EDO I . 0.64 -3.40 13.58
O1 EDO I . 0.77 -4.67 13.03
C2 EDO I . 1.02 -3.40 14.98
O2 EDO I . 0.08 -3.99 15.86
C1 EDO J . 19.04 0.33 8.31
O1 EDO J . 19.75 -0.75 7.67
C2 EDO J . 19.79 1.61 8.42
O2 EDO J . 21.06 1.49 9.04
C1 EDO K . 1.61 25.52 28.66
O1 EDO K . 1.82 24.94 27.39
C2 EDO K . 1.55 24.55 29.79
O2 EDO K . 0.37 23.78 29.81
C1 EDO L . 18.34 19.25 -13.39
O1 EDO L . 16.95 19.21 -13.49
C2 EDO L . 19.03 18.19 -14.13
O2 EDO L . 20.16 17.71 -13.45
C1 EDO M . 18.06 21.68 -11.40
O1 EDO M . 18.54 22.95 -10.97
C2 EDO M . 16.67 21.35 -10.99
O2 EDO M . 16.50 20.21 -10.15
C1 PGE N . -22.06 -3.43 0.19
O1 PGE N . -23.21 -2.66 0.50
C2 PGE N . -22.09 -4.79 0.80
O2 PGE N . -22.17 -4.70 2.21
C3 PGE N . -21.63 -5.84 2.89
C4 PGE N . -21.54 -5.55 4.36
O4 PGE N . -25.32 -4.76 6.00
C6 PGE N . -24.22 -3.88 6.16
C5 PGE N . -22.90 -4.58 6.07
O3 PGE N . -22.86 -5.34 4.86
C1 EDO O . -7.56 20.90 20.76
O1 EDO O . -7.40 20.42 19.44
C2 EDO O . -6.27 21.01 21.49
O2 EDO O . -5.55 19.79 21.60
C1 EDO P . -12.51 18.48 19.37
O1 EDO P . -13.16 19.16 18.32
C2 EDO P . -11.18 18.99 19.72
O2 EDO P . -10.46 18.03 20.47
CA CA Q . 20.08 13.48 -18.47
#